data_1M36
#
_entry.id   1M36
#
loop_
_entity.id
_entity.type
_entity.pdbx_description
1 polymer 'Monocytic leukemia zinc finger protein'
2 non-polymer 'ZINC ION'
#
_entity_poly.entity_id   1
_entity_poly.type   'polypeptide(L)'
_entity_poly.pdbx_seq_one_letter_code
;GSRLPKLYLCEFCLKYMKSRTILQQHMKKCGWF
;
_entity_poly.pdbx_strand_id   A
#
# COMPACT_ATOMS: atom_id res chain seq x y z
N GLY A 1 12.06 -7.57 19.15
CA GLY A 1 10.76 -8.10 18.68
C GLY A 1 10.93 -9.02 17.49
N SER A 2 10.09 -8.84 16.47
CA SER A 2 10.21 -9.64 15.26
C SER A 2 11.08 -8.93 14.23
N ARG A 3 11.34 -7.65 14.48
CA ARG A 3 12.14 -6.81 13.58
C ARG A 3 11.50 -6.73 12.20
N LEU A 4 10.18 -6.72 12.17
CA LEU A 4 9.43 -6.63 10.93
C LEU A 4 8.93 -5.21 10.72
N PRO A 5 9.45 -4.52 9.69
CA PRO A 5 9.04 -3.15 9.39
C PRO A 5 7.64 -3.07 8.82
N LYS A 6 6.79 -2.32 9.49
CA LYS A 6 5.42 -2.13 9.05
C LYS A 6 5.38 -1.17 7.88
N LEU A 7 5.02 -1.68 6.71
CA LEU A 7 4.99 -0.87 5.51
C LEU A 7 3.57 -0.33 5.28
N TYR A 8 3.38 0.36 4.17
CA TYR A 8 2.11 0.97 3.87
C TYR A 8 1.18 -0.01 3.19
N LEU A 9 0.32 -0.63 3.97
CA LEU A 9 -0.56 -1.68 3.48
C LEU A 9 -1.75 -1.09 2.71
N CYS A 10 -2.00 -1.62 1.52
CA CYS A 10 -3.16 -1.29 0.75
C CYS A 10 -4.36 -1.98 1.36
N GLU A 11 -5.46 -1.29 1.35
CA GLU A 11 -6.68 -1.77 1.97
C GLU A 11 -7.62 -2.38 0.93
N PHE A 12 -7.15 -2.46 -0.30
CA PHE A 12 -7.96 -3.00 -1.38
C PHE A 12 -7.46 -4.38 -1.81
N CYS A 13 -6.15 -4.53 -2.00
CA CYS A 13 -5.57 -5.81 -2.34
C CYS A 13 -4.57 -6.26 -1.26
N LEU A 14 -4.28 -5.35 -0.35
CA LEU A 14 -3.40 -5.62 0.79
C LEU A 14 -1.99 -5.97 0.34
N LYS A 15 -1.26 -4.95 -0.12
CA LYS A 15 0.15 -5.08 -0.44
C LYS A 15 0.93 -4.04 0.36
N TYR A 16 2.20 -4.29 0.60
CA TYR A 16 3.01 -3.37 1.38
C TYR A 16 3.80 -2.42 0.48
N MET A 17 3.35 -1.18 0.45
CA MET A 17 4.01 -0.14 -0.34
C MET A 17 5.13 0.49 0.49
N LYS A 18 6.20 0.91 -0.18
CA LYS A 18 7.37 1.44 0.52
C LYS A 18 7.15 2.89 0.94
N SER A 19 6.48 3.66 0.10
CA SER A 19 6.24 5.07 0.40
C SER A 19 4.74 5.37 0.46
N ARG A 20 4.38 6.34 1.27
CA ARG A 20 3.00 6.79 1.39
C ARG A 20 2.54 7.40 0.07
N THR A 21 3.44 8.12 -0.58
CA THR A 21 3.16 8.74 -1.87
C THR A 21 2.80 7.68 -2.90
N ILE A 22 3.62 6.63 -2.96
CA ILE A 22 3.38 5.52 -3.88
C ILE A 22 2.09 4.79 -3.52
N LEU A 23 1.81 4.68 -2.23
CA LEU A 23 0.59 4.06 -1.76
C LEU A 23 -0.63 4.84 -2.23
N GLN A 24 -0.51 6.17 -2.20
CA GLN A 24 -1.58 7.04 -2.67
C GLN A 24 -1.84 6.81 -4.16
N GLN A 25 -0.76 6.69 -4.93
CA GLN A 25 -0.86 6.40 -6.36
C GLN A 25 -1.48 5.03 -6.58
N HIS A 26 -1.07 4.07 -5.76
CA HIS A 26 -1.59 2.72 -5.82
C HIS A 26 -3.08 2.70 -5.48
N MET A 27 -3.48 3.55 -4.54
CA MET A 27 -4.86 3.62 -4.09
C MET A 27 -5.78 4.13 -5.18
N LYS A 28 -5.21 4.78 -6.18
CA LYS A 28 -5.96 5.21 -7.35
C LYS A 28 -6.19 4.01 -8.26
N LYS A 29 -5.14 3.22 -8.44
CA LYS A 29 -5.20 2.01 -9.24
C LYS A 29 -6.15 0.99 -8.63
N CYS A 30 -6.04 0.82 -7.33
CA CYS A 30 -6.85 -0.14 -6.60
C CYS A 30 -8.22 0.47 -6.28
N GLY A 31 -8.40 1.72 -6.66
CA GLY A 31 -9.66 2.39 -6.46
C GLY A 31 -10.42 2.59 -7.75
N TRP A 32 -9.96 1.92 -8.80
CA TRP A 32 -10.63 1.99 -10.09
C TRP A 32 -11.76 0.97 -10.16
N PHE A 33 -12.74 1.12 -9.28
CA PHE A 33 -13.86 0.22 -9.23
C PHE A 33 -15.15 1.00 -8.97
N GLY A 1 8.60 -12.84 11.80
CA GLY A 1 7.73 -12.29 12.86
C GLY A 1 6.27 -12.52 12.55
N SER A 2 5.60 -11.49 12.08
CA SER A 2 4.19 -11.59 11.71
C SER A 2 4.04 -12.34 10.39
N ARG A 3 4.65 -11.81 9.35
CA ARG A 3 4.66 -12.43 8.04
C ARG A 3 5.64 -11.68 7.13
N LEU A 4 5.17 -10.57 6.60
CA LEU A 4 6.01 -9.67 5.82
C LEU A 4 6.11 -8.34 6.56
N PRO A 5 7.16 -7.55 6.34
CA PRO A 5 7.33 -6.25 7.00
C PRO A 5 6.13 -5.35 6.76
N LYS A 6 5.62 -4.76 7.82
CA LYS A 6 4.41 -3.96 7.76
C LYS A 6 4.70 -2.58 7.20
N LEU A 7 4.72 -2.49 5.87
CA LEU A 7 4.96 -1.24 5.18
C LEU A 7 3.66 -0.43 5.10
N TYR A 8 3.48 0.29 4.00
CA TYR A 8 2.25 1.03 3.76
C TYR A 8 1.25 0.14 3.02
N LEU A 9 0.50 -0.64 3.78
CA LEU A 9 -0.43 -1.60 3.21
C LEU A 9 -1.75 -0.92 2.86
N CYS A 10 -2.29 -1.23 1.69
CA CYS A 10 -3.53 -0.67 1.26
C CYS A 10 -4.73 -1.26 2.01
N GLU A 11 -5.88 -1.19 1.37
CA GLU A 11 -7.11 -1.68 1.96
C GLU A 11 -7.94 -2.43 0.92
N PHE A 12 -7.43 -2.51 -0.30
CA PHE A 12 -8.16 -3.16 -1.39
C PHE A 12 -7.43 -4.42 -1.86
N CYS A 13 -6.23 -4.25 -2.41
CA CYS A 13 -5.43 -5.40 -2.83
C CYS A 13 -4.55 -5.84 -1.68
N LEU A 14 -4.40 -4.92 -0.72
CA LEU A 14 -3.63 -5.16 0.48
C LEU A 14 -2.19 -5.54 0.15
N LYS A 15 -1.42 -4.55 -0.25
CA LYS A 15 -0.02 -4.75 -0.58
C LYS A 15 0.85 -3.73 0.15
N TYR A 16 2.03 -4.15 0.59
CA TYR A 16 2.92 -3.27 1.33
C TYR A 16 3.69 -2.35 0.40
N MET A 17 3.35 -1.07 0.43
CA MET A 17 4.02 -0.08 -0.39
C MET A 17 5.20 0.51 0.37
N LYS A 18 6.23 0.91 -0.36
CA LYS A 18 7.46 1.40 0.25
C LYS A 18 7.33 2.83 0.73
N SER A 19 6.44 3.59 0.11
CA SER A 19 6.25 4.98 0.47
C SER A 19 4.77 5.34 0.55
N ARG A 20 4.46 6.34 1.37
CA ARG A 20 3.10 6.83 1.49
C ARG A 20 2.62 7.42 0.17
N THR A 21 3.52 8.16 -0.48
CA THR A 21 3.24 8.74 -1.79
C THR A 21 2.94 7.67 -2.83
N ILE A 22 3.65 6.55 -2.74
CA ILE A 22 3.43 5.42 -3.62
C ILE A 22 2.04 4.84 -3.37
N LEU A 23 1.73 4.59 -2.10
CA LEU A 23 0.42 4.06 -1.72
C LEU A 23 -0.70 5.01 -2.14
N GLN A 24 -0.44 6.30 -2.06
CA GLN A 24 -1.42 7.31 -2.43
C GLN A 24 -1.83 7.17 -3.90
N GLN A 25 -0.83 6.97 -4.75
CA GLN A 25 -1.08 6.78 -6.18
C GLN A 25 -1.59 5.38 -6.47
N HIS A 26 -0.96 4.40 -5.84
CA HIS A 26 -1.31 2.99 -6.03
C HIS A 26 -2.77 2.75 -5.66
N MET A 27 -3.24 3.40 -4.60
CA MET A 27 -4.61 3.20 -4.11
C MET A 27 -5.66 3.53 -5.17
N LYS A 28 -5.26 4.31 -6.17
CA LYS A 28 -6.16 4.63 -7.28
C LYS A 28 -6.36 3.42 -8.17
N LYS A 29 -5.31 2.62 -8.32
CA LYS A 29 -5.37 1.39 -9.09
C LYS A 29 -5.84 0.24 -8.21
N CYS A 30 -5.50 0.34 -6.94
CA CYS A 30 -5.91 -0.65 -5.94
C CYS A 30 -7.44 -0.71 -5.86
N GLY A 31 -8.06 0.46 -5.78
CA GLY A 31 -9.51 0.53 -5.74
C GLY A 31 -10.14 0.38 -7.11
N TRP A 32 -9.30 0.33 -8.14
CA TRP A 32 -9.78 0.17 -9.51
C TRP A 32 -10.01 -1.30 -9.83
N PHE A 33 -9.13 -2.16 -9.35
CA PHE A 33 -9.24 -3.58 -9.58
C PHE A 33 -9.21 -4.34 -8.25
N GLY A 1 15.79 -6.54 7.33
CA GLY A 1 15.39 -5.51 8.32
C GLY A 1 15.68 -5.95 9.75
N SER A 2 16.10 -5.02 10.58
CA SER A 2 16.42 -5.33 11.97
C SER A 2 15.16 -5.69 12.75
N ARG A 3 14.07 -5.01 12.45
CA ARG A 3 12.79 -5.30 13.08
C ARG A 3 11.70 -5.43 12.01
N LEU A 4 10.47 -5.63 12.45
CA LEU A 4 9.35 -5.72 11.53
C LEU A 4 9.02 -4.33 10.97
N PRO A 5 9.05 -4.18 9.65
CA PRO A 5 8.80 -2.89 9.01
C PRO A 5 7.32 -2.53 8.99
N LYS A 6 7.03 -1.28 9.29
CA LYS A 6 5.66 -0.78 9.27
C LYS A 6 5.42 0.00 7.98
N LEU A 7 4.95 -0.69 6.96
CA LEU A 7 4.76 -0.08 5.65
C LEU A 7 3.37 0.52 5.52
N TYR A 8 3.01 0.84 4.30
CA TYR A 8 1.71 1.42 4.00
C TYR A 8 0.90 0.41 3.19
N LEU A 9 0.24 -0.48 3.89
CA LEU A 9 -0.44 -1.59 3.26
C LEU A 9 -1.72 -1.15 2.58
N CYS A 10 -1.88 -1.53 1.32
CA CYS A 10 -3.13 -1.34 0.64
C CYS A 10 -4.10 -2.39 1.12
N GLU A 11 -5.12 -1.96 1.82
CA GLU A 11 -6.10 -2.87 2.36
C GLU A 11 -7.16 -3.22 1.31
N PHE A 12 -6.83 -2.98 0.04
CA PHE A 12 -7.75 -3.29 -1.04
C PHE A 12 -7.30 -4.55 -1.79
N CYS A 13 -6.02 -4.62 -2.12
CA CYS A 13 -5.47 -5.84 -2.72
C CYS A 13 -4.51 -6.52 -1.75
N LEU A 14 -4.21 -5.81 -0.66
CA LEU A 14 -3.36 -6.30 0.42
C LEU A 14 -1.91 -6.44 -0.01
N LYS A 15 -1.29 -5.30 -0.28
CA LYS A 15 0.14 -5.25 -0.62
C LYS A 15 0.81 -4.09 0.12
N TYR A 16 1.87 -4.39 0.86
CA TYR A 16 2.58 -3.40 1.64
C TYR A 16 3.40 -2.47 0.74
N MET A 17 3.06 -1.19 0.73
CA MET A 17 3.80 -0.20 -0.05
C MET A 17 4.92 0.41 0.78
N LYS A 18 6.06 0.64 0.16
CA LYS A 18 7.24 1.12 0.88
C LYS A 18 7.27 2.64 0.96
N SER A 19 6.27 3.30 0.41
CA SER A 19 6.20 4.75 0.45
C SER A 19 4.76 5.24 0.40
N ARG A 20 4.48 6.32 1.12
CA ARG A 20 3.15 6.90 1.18
C ARG A 20 2.74 7.44 -0.18
N THR A 21 3.66 8.09 -0.87
CA THR A 21 3.39 8.66 -2.19
C THR A 21 3.17 7.54 -3.21
N ILE A 22 3.77 6.38 -2.96
CA ILE A 22 3.57 5.22 -3.80
C ILE A 22 2.20 4.61 -3.52
N LEU A 23 1.84 4.59 -2.24
CA LEU A 23 0.52 4.11 -1.83
C LEU A 23 -0.57 5.03 -2.37
N GLN A 24 -0.29 6.33 -2.36
CA GLN A 24 -1.24 7.32 -2.85
C GLN A 24 -1.56 7.13 -4.33
N GLN A 25 -0.54 6.85 -5.12
CA GLN A 25 -0.73 6.62 -6.55
C GLN A 25 -1.33 5.23 -6.78
N HIS A 26 -1.06 4.32 -5.84
CA HIS A 26 -1.60 2.97 -5.90
C HIS A 26 -3.09 2.97 -5.58
N MET A 27 -3.48 3.77 -4.59
CA MET A 27 -4.86 3.82 -4.12
C MET A 27 -5.80 4.32 -5.22
N LYS A 28 -5.23 5.00 -6.21
CA LYS A 28 -6.00 5.46 -7.35
C LYS A 28 -6.39 4.27 -8.23
N LYS A 29 -5.44 3.36 -8.44
CA LYS A 29 -5.67 2.15 -9.21
C LYS A 29 -6.57 1.20 -8.44
N CYS A 30 -6.33 1.11 -7.15
CA CYS A 30 -7.08 0.21 -6.29
C CYS A 30 -8.31 0.89 -5.69
N GLY A 31 -8.84 1.88 -6.41
CA GLY A 31 -10.00 2.59 -5.93
C GLY A 31 -10.50 3.61 -6.93
N TRP A 32 -10.76 3.14 -8.14
CA TRP A 32 -11.24 4.01 -9.21
C TRP A 32 -12.67 4.46 -8.92
N PHE A 33 -13.43 3.59 -8.29
CA PHE A 33 -14.79 3.92 -7.90
C PHE A 33 -15.01 3.64 -6.43
N GLY A 1 4.56 -3.34 17.32
CA GLY A 1 4.79 -3.67 15.89
C GLY A 1 5.21 -5.11 15.71
N SER A 2 5.08 -5.60 14.49
CA SER A 2 5.43 -6.98 14.18
C SER A 2 6.85 -7.07 13.64
N ARG A 3 7.24 -8.24 13.15
CA ARG A 3 8.57 -8.42 12.55
C ARG A 3 8.69 -7.58 11.29
N LEU A 4 7.58 -7.49 10.57
CA LEU A 4 7.50 -6.63 9.40
C LEU A 4 7.18 -5.20 9.82
N PRO A 5 7.86 -4.21 9.25
CA PRO A 5 7.64 -2.80 9.58
C PRO A 5 6.25 -2.34 9.16
N LYS A 6 5.74 -1.32 9.83
CA LYS A 6 4.41 -0.80 9.51
C LYS A 6 4.48 0.11 8.29
N LEU A 7 4.36 -0.50 7.13
CA LEU A 7 4.40 0.24 5.87
C LEU A 7 3.02 0.81 5.55
N TYR A 8 2.75 1.02 4.27
CA TYR A 8 1.47 1.54 3.81
C TYR A 8 0.70 0.44 3.13
N LEU A 9 -0.44 0.07 3.70
CA LEU A 9 -1.18 -1.10 3.25
C LEU A 9 -2.29 -0.72 2.27
N CYS A 10 -2.39 -1.48 1.20
CA CYS A 10 -3.54 -1.40 0.33
C CYS A 10 -4.62 -2.30 0.91
N GLU A 11 -5.85 -1.90 0.70
CA GLU A 11 -6.99 -2.63 1.24
C GLU A 11 -7.56 -3.59 0.20
N PHE A 12 -7.05 -3.50 -1.02
CA PHE A 12 -7.52 -4.34 -2.11
C PHE A 12 -6.46 -5.39 -2.47
N CYS A 13 -5.19 -5.05 -2.22
CA CYS A 13 -4.11 -5.99 -2.42
C CYS A 13 -3.66 -6.56 -1.09
N LEU A 14 -3.75 -5.72 -0.06
CA LEU A 14 -3.24 -6.04 1.26
C LEU A 14 -1.73 -6.24 1.19
N LYS A 15 -1.11 -5.45 0.33
CA LYS A 15 0.34 -5.46 0.17
C LYS A 15 0.91 -4.19 0.74
N TYR A 16 2.09 -4.29 1.35
CA TYR A 16 2.71 -3.14 2.00
C TYR A 16 3.57 -2.37 1.01
N MET A 17 3.20 -1.12 0.78
CA MET A 17 3.91 -0.24 -0.11
C MET A 17 5.09 0.38 0.62
N LYS A 18 6.23 0.45 -0.06
CA LYS A 18 7.48 0.90 0.57
C LYS A 18 7.55 2.41 0.68
N SER A 19 6.68 3.10 -0.04
CA SER A 19 6.69 4.56 -0.03
C SER A 19 5.27 5.12 0.09
N ARG A 20 5.17 6.30 0.67
CA ARG A 20 3.89 6.98 0.84
C ARG A 20 3.31 7.36 -0.51
N THR A 21 4.17 7.91 -1.37
CA THR A 21 3.77 8.32 -2.71
C THR A 21 3.23 7.14 -3.51
N ILE A 22 3.86 5.99 -3.34
CA ILE A 22 3.45 4.78 -4.03
C ILE A 22 2.02 4.39 -3.64
N LEU A 23 1.79 4.24 -2.34
CA LEU A 23 0.47 3.85 -1.85
C LEU A 23 -0.58 4.91 -2.17
N GLN A 24 -0.17 6.18 -2.14
CA GLN A 24 -1.08 7.29 -2.42
C GLN A 24 -1.68 7.17 -3.82
N GLN A 25 -0.82 6.96 -4.81
CA GLN A 25 -1.30 6.81 -6.18
C GLN A 25 -1.83 5.40 -6.41
N HIS A 26 -1.34 4.45 -5.61
CA HIS A 26 -1.77 3.06 -5.73
C HIS A 26 -3.25 2.94 -5.39
N MET A 27 -3.63 3.43 -4.21
CA MET A 27 -5.00 3.27 -3.72
C MET A 27 -5.97 4.12 -4.53
N LYS A 28 -5.43 5.01 -5.34
CA LYS A 28 -6.25 5.82 -6.22
C LYS A 28 -6.63 5.02 -7.46
N LYS A 29 -5.70 4.18 -7.92
CA LYS A 29 -5.95 3.31 -9.07
C LYS A 29 -6.69 2.05 -8.62
N CYS A 30 -6.27 1.53 -7.47
CA CYS A 30 -6.88 0.34 -6.91
C CYS A 30 -8.30 0.63 -6.42
N GLY A 31 -8.56 1.90 -6.14
CA GLY A 31 -9.88 2.31 -5.70
C GLY A 31 -10.91 2.24 -6.81
N TRP A 32 -10.44 2.11 -8.05
CA TRP A 32 -11.32 1.96 -9.21
C TRP A 32 -11.80 0.52 -9.33
N PHE A 33 -12.62 0.11 -8.40
CA PHE A 33 -13.14 -1.26 -8.39
C PHE A 33 -14.32 -1.38 -9.34
N GLY A 1 -0.95 -10.52 5.02
CA GLY A 1 0.01 -11.65 5.05
C GLY A 1 1.39 -11.21 5.50
N SER A 2 2.34 -12.14 5.47
CA SER A 2 3.70 -11.83 5.89
C SER A 2 4.67 -11.96 4.72
N ARG A 3 4.32 -11.37 3.59
CA ARG A 3 5.19 -11.37 2.42
C ARG A 3 6.07 -10.13 2.44
N LEU A 4 5.56 -9.07 3.03
CA LEU A 4 6.30 -7.83 3.19
C LEU A 4 6.13 -7.30 4.61
N PRO A 5 7.05 -6.46 5.08
CA PRO A 5 7.01 -5.93 6.45
C PRO A 5 5.85 -4.95 6.66
N LYS A 6 5.76 -4.38 7.86
CA LYS A 6 4.69 -3.45 8.18
C LYS A 6 4.93 -2.08 7.55
N LEU A 7 4.59 -1.99 6.28
CA LEU A 7 4.72 -0.74 5.54
C LEU A 7 3.35 -0.09 5.39
N TYR A 8 3.13 0.55 4.25
CA TYR A 8 1.83 1.11 3.93
C TYR A 8 0.96 0.04 3.30
N LEU A 9 0.05 -0.50 4.09
CA LEU A 9 -0.79 -1.58 3.61
C LEU A 9 -2.00 -1.05 2.83
N CYS A 10 -2.12 -1.50 1.59
CA CYS A 10 -3.27 -1.18 0.79
C CYS A 10 -4.41 -2.10 1.17
N GLU A 11 -5.44 -1.55 1.74
CA GLU A 11 -6.59 -2.34 2.19
C GLU A 11 -7.43 -2.79 1.00
N PHE A 12 -6.94 -2.59 -0.22
CA PHE A 12 -7.67 -3.00 -1.40
C PHE A 12 -7.15 -4.33 -1.95
N CYS A 13 -5.82 -4.49 -1.97
CA CYS A 13 -5.22 -5.74 -2.45
C CYS A 13 -4.34 -6.36 -1.37
N LEU A 14 -4.16 -5.63 -0.28
CA LEU A 14 -3.36 -6.06 0.86
C LEU A 14 -1.90 -6.26 0.47
N LYS A 15 -1.35 -5.27 -0.24
CA LYS A 15 0.06 -5.23 -0.55
C LYS A 15 0.70 -4.07 0.19
N TYR A 16 1.98 -4.19 0.50
CA TYR A 16 2.67 -3.17 1.28
C TYR A 16 3.49 -2.24 0.39
N MET A 17 3.26 -0.95 0.55
CA MET A 17 4.00 0.06 -0.20
C MET A 17 5.09 0.66 0.67
N LYS A 18 6.26 0.89 0.09
CA LYS A 18 7.41 1.37 0.86
C LYS A 18 7.31 2.87 1.13
N SER A 19 6.69 3.60 0.22
CA SER A 19 6.57 5.05 0.37
C SER A 19 5.11 5.48 0.31
N ARG A 20 4.82 6.60 0.99
CA ARG A 20 3.46 7.15 1.04
C ARG A 20 2.98 7.53 -0.35
N THR A 21 3.86 8.14 -1.14
CA THR A 21 3.53 8.56 -2.50
C THR A 21 3.15 7.35 -3.36
N ILE A 22 3.69 6.19 -3.03
CA ILE A 22 3.35 4.97 -3.71
C ILE A 22 1.94 4.52 -3.33
N LEU A 23 1.71 4.44 -2.01
CA LEU A 23 0.41 4.07 -1.48
C LEU A 23 -0.69 5.00 -1.99
N GLN A 24 -0.40 6.29 -1.98
CA GLN A 24 -1.35 7.31 -2.39
C GLN A 24 -1.77 7.13 -3.84
N GLN A 25 -0.79 6.96 -4.72
CA GLN A 25 -1.07 6.82 -6.14
C GLN A 25 -1.62 5.44 -6.48
N HIS A 26 -1.11 4.43 -5.78
CA HIS A 26 -1.55 3.06 -5.99
C HIS A 26 -3.03 2.89 -5.64
N MET A 27 -3.46 3.53 -4.57
CA MET A 27 -4.84 3.39 -4.09
C MET A 27 -5.84 3.91 -5.11
N LYS A 28 -5.37 4.68 -6.08
CA LYS A 28 -6.23 5.21 -7.13
C LYS A 28 -6.44 4.19 -8.23
N LYS A 29 -5.47 3.28 -8.39
CA LYS A 29 -5.57 2.24 -9.40
C LYS A 29 -6.24 0.99 -8.83
N CYS A 30 -6.10 0.80 -7.52
CA CYS A 30 -6.73 -0.31 -6.85
C CYS A 30 -8.20 0.02 -6.62
N GLY A 31 -8.45 1.14 -5.96
CA GLY A 31 -9.80 1.63 -5.80
C GLY A 31 -10.14 2.64 -6.88
N TRP A 32 -10.19 2.15 -8.13
CA TRP A 32 -10.42 3.01 -9.29
C TRP A 32 -11.79 3.68 -9.22
N PHE A 33 -12.78 2.91 -8.82
CA PHE A 33 -14.14 3.43 -8.71
C PHE A 33 -14.67 3.23 -7.30
N GLY A 1 16.94 -5.63 10.17
CA GLY A 1 17.21 -7.02 10.56
C GLY A 1 16.33 -8.01 9.80
N SER A 2 16.19 -9.22 10.32
CA SER A 2 15.39 -10.24 9.67
C SER A 2 13.94 -10.18 10.14
N ARG A 3 13.38 -8.97 10.23
CA ARG A 3 12.01 -8.78 10.68
C ARG A 3 11.32 -7.71 9.85
N LEU A 4 10.01 -7.80 9.76
CA LEU A 4 9.23 -6.81 9.03
C LEU A 4 8.28 -6.08 9.97
N PRO A 5 8.62 -4.82 10.32
CA PRO A 5 7.83 -4.04 11.28
C PRO A 5 6.45 -3.67 10.76
N LYS A 6 6.40 -2.73 9.82
CA LYS A 6 5.15 -2.29 9.23
C LYS A 6 5.42 -1.59 7.90
N LEU A 7 4.39 -1.46 7.09
CA LEU A 7 4.50 -0.76 5.82
C LEU A 7 3.16 -0.13 5.45
N TYR A 8 3.11 0.53 4.30
CA TYR A 8 1.92 1.19 3.84
C TYR A 8 1.00 0.21 3.14
N LEU A 9 0.21 -0.51 3.93
CA LEU A 9 -0.67 -1.55 3.40
C LEU A 9 -1.85 -0.95 2.66
N CYS A 10 -2.05 -1.37 1.41
CA CYS A 10 -3.16 -0.90 0.60
C CYS A 10 -4.49 -1.30 1.24
N GLU A 11 -4.51 -2.52 1.81
CA GLU A 11 -5.67 -3.06 2.55
C GLU A 11 -6.80 -3.52 1.62
N PHE A 12 -6.68 -3.24 0.33
CA PHE A 12 -7.67 -3.69 -0.64
C PHE A 12 -7.10 -4.87 -1.44
N CYS A 13 -5.89 -4.68 -1.92
CA CYS A 13 -5.10 -5.77 -2.47
C CYS A 13 -4.30 -6.39 -1.34
N LEU A 14 -4.22 -5.64 -0.24
CA LEU A 14 -3.47 -6.03 0.95
C LEU A 14 -2.00 -6.21 0.62
N LYS A 15 -1.46 -5.25 -0.10
CA LYS A 15 -0.05 -5.24 -0.44
C LYS A 15 0.67 -4.13 0.30
N TYR A 16 1.91 -4.37 0.67
CA TYR A 16 2.70 -3.39 1.41
C TYR A 16 3.42 -2.44 0.46
N MET A 17 3.00 -1.19 0.47
CA MET A 17 3.67 -0.16 -0.31
C MET A 17 4.81 0.43 0.51
N LYS A 18 5.89 0.79 -0.16
CA LYS A 18 7.10 1.23 0.54
C LYS A 18 7.04 2.71 0.86
N SER A 19 6.35 3.48 0.03
CA SER A 19 6.31 4.93 0.20
C SER A 19 4.87 5.43 0.32
N ARG A 20 4.71 6.59 0.97
CA ARG A 20 3.41 7.22 1.11
C ARG A 20 2.85 7.60 -0.25
N THR A 21 3.70 8.20 -1.08
CA THR A 21 3.34 8.57 -2.43
C THR A 21 2.92 7.35 -3.24
N ILE A 22 3.69 6.28 -3.11
CA ILE A 22 3.42 5.04 -3.81
C ILE A 22 2.07 4.45 -3.38
N LEU A 23 1.79 4.52 -2.08
CA LEU A 23 0.52 4.02 -1.55
C LEU A 23 -0.65 4.85 -2.09
N GLN A 24 -0.51 6.17 -2.00
CA GLN A 24 -1.56 7.08 -2.42
C GLN A 24 -1.82 6.97 -3.91
N GLN A 25 -0.76 6.87 -4.70
CA GLN A 25 -0.89 6.72 -6.15
C GLN A 25 -1.40 5.33 -6.50
N HIS A 26 -1.15 4.37 -5.62
CA HIS A 26 -1.68 3.02 -5.80
C HIS A 26 -3.20 3.04 -5.66
N MET A 27 -3.68 3.76 -4.66
CA MET A 27 -5.12 3.84 -4.38
C MET A 27 -5.88 4.45 -5.55
N LYS A 28 -5.16 5.11 -6.45
CA LYS A 28 -5.76 5.66 -7.65
C LYS A 28 -6.01 4.56 -8.69
N LYS A 29 -5.16 3.54 -8.66
CA LYS A 29 -5.32 2.39 -9.53
C LYS A 29 -6.18 1.34 -8.83
N CYS A 30 -6.04 1.27 -7.52
CA CYS A 30 -6.81 0.38 -6.68
C CYS A 30 -8.31 0.67 -6.83
N GLY A 31 -8.65 1.94 -6.89
CA GLY A 31 -10.04 2.34 -7.07
C GLY A 31 -10.47 2.24 -8.53
N TRP A 32 -9.51 2.01 -9.41
CA TRP A 32 -9.80 1.87 -10.83
C TRP A 32 -10.08 0.42 -11.17
N PHE A 33 -11.26 -0.05 -10.81
CA PHE A 33 -11.66 -1.43 -11.08
C PHE A 33 -12.50 -1.48 -12.35
N GLY A 1 10.63 -15.08 7.58
CA GLY A 1 11.25 -14.08 8.49
C GLY A 1 10.24 -13.46 9.42
N SER A 2 10.36 -13.73 10.70
CA SER A 2 9.44 -13.21 11.70
C SER A 2 9.57 -11.70 11.85
N ARG A 3 10.80 -11.21 11.81
CA ARG A 3 11.07 -9.79 11.92
C ARG A 3 11.13 -9.15 10.55
N LEU A 4 9.99 -9.05 9.90
CA LEU A 4 9.91 -8.46 8.57
C LEU A 4 9.50 -7.00 8.65
N PRO A 5 10.01 -6.15 7.75
CA PRO A 5 9.67 -4.73 7.73
C PRO A 5 8.18 -4.49 7.55
N LYS A 6 7.64 -3.55 8.31
CA LYS A 6 6.22 -3.24 8.25
C LYS A 6 6.01 -1.97 7.44
N LEU A 7 5.57 -2.15 6.20
CA LEU A 7 5.37 -1.05 5.29
C LEU A 7 3.96 -0.46 5.48
N TYR A 8 3.44 0.13 4.43
CA TYR A 8 2.08 0.66 4.44
C TYR A 8 1.16 -0.35 3.77
N LEU A 9 -0.03 -0.54 4.32
CA LEU A 9 -0.95 -1.54 3.81
C LEU A 9 -2.10 -0.91 3.04
N CYS A 10 -2.22 -1.27 1.76
CA CYS A 10 -3.30 -0.80 0.92
C CYS A 10 -4.65 -1.28 1.46
N GLU A 11 -4.65 -2.53 1.92
CA GLU A 11 -5.80 -3.17 2.58
C GLU A 11 -6.90 -3.54 1.60
N PHE A 12 -6.73 -3.17 0.34
CA PHE A 12 -7.66 -3.59 -0.70
C PHE A 12 -7.08 -4.79 -1.44
N CYS A 13 -5.81 -4.64 -1.84
CA CYS A 13 -5.02 -5.76 -2.31
C CYS A 13 -4.30 -6.38 -1.12
N LEU A 14 -4.22 -5.59 -0.05
CA LEU A 14 -3.49 -5.97 1.14
C LEU A 14 -2.00 -6.08 0.82
N LYS A 15 -1.53 -5.11 0.03
CA LYS A 15 -0.13 -5.07 -0.38
C LYS A 15 0.62 -3.98 0.37
N TYR A 16 1.91 -4.19 0.56
CA TYR A 16 2.74 -3.25 1.28
C TYR A 16 3.47 -2.30 0.33
N MET A 17 3.02 -1.06 0.33
CA MET A 17 3.67 -0.01 -0.44
C MET A 17 4.94 0.44 0.29
N LYS A 18 5.95 0.83 -0.47
CA LYS A 18 7.22 1.22 0.13
C LYS A 18 7.14 2.64 0.69
N SER A 19 6.18 3.42 0.19
CA SER A 19 5.99 4.78 0.66
C SER A 19 4.51 5.12 0.67
N ARG A 20 4.14 6.10 1.49
CA ARG A 20 2.76 6.58 1.53
C ARG A 20 2.45 7.35 0.26
N THR A 21 3.48 8.00 -0.28
CA THR A 21 3.39 8.69 -1.55
C THR A 21 3.11 7.71 -2.69
N ILE A 22 3.65 6.50 -2.55
CA ILE A 22 3.41 5.43 -3.51
C ILE A 22 1.95 4.96 -3.42
N LEU A 23 1.45 4.87 -2.19
CA LEU A 23 0.07 4.46 -1.96
C LEU A 23 -0.90 5.45 -2.61
N GLN A 24 -0.52 6.72 -2.63
CA GLN A 24 -1.34 7.75 -3.26
C GLN A 24 -1.59 7.42 -4.72
N GLN A 25 -0.55 6.92 -5.39
CA GLN A 25 -0.67 6.52 -6.79
C GLN A 25 -1.33 5.15 -6.88
N HIS A 26 -1.01 4.27 -5.94
CA HIS A 26 -1.56 2.93 -5.91
C HIS A 26 -3.08 2.97 -5.85
N MET A 27 -3.62 3.84 -5.00
CA MET A 27 -5.06 3.92 -4.77
C MET A 27 -5.79 4.49 -5.98
N LYS A 28 -5.03 4.95 -6.96
CA LYS A 28 -5.63 5.35 -8.22
C LYS A 28 -6.04 4.09 -8.99
N LYS A 29 -5.14 3.11 -9.01
CA LYS A 29 -5.43 1.81 -9.59
C LYS A 29 -6.33 1.02 -8.65
N CYS A 30 -6.12 1.25 -7.36
CA CYS A 30 -6.95 0.67 -6.32
C CYS A 30 -8.19 1.55 -6.10
N GLY A 31 -8.69 2.09 -7.20
CA GLY A 31 -9.83 2.98 -7.16
C GLY A 31 -10.31 3.30 -8.56
N TRP A 32 -10.67 2.26 -9.29
CA TRP A 32 -11.08 2.40 -10.68
C TRP A 32 -12.50 2.93 -10.78
N PHE A 33 -13.34 2.52 -9.85
CA PHE A 33 -14.73 2.95 -9.83
C PHE A 33 -15.11 3.45 -8.44
N GLY A 1 14.64 -3.73 15.66
CA GLY A 1 15.70 -4.53 14.98
C GLY A 1 15.57 -4.45 13.48
N SER A 2 16.39 -5.22 12.76
CA SER A 2 16.35 -5.25 11.32
C SER A 2 15.28 -6.22 10.82
N ARG A 3 14.06 -6.04 11.31
CA ARG A 3 12.93 -6.82 10.86
C ARG A 3 11.91 -5.91 10.21
N LEU A 4 11.30 -6.38 9.13
CA LEU A 4 10.33 -5.58 8.39
C LEU A 4 9.04 -5.43 9.19
N PRO A 5 8.67 -4.19 9.53
CA PRO A 5 7.48 -3.90 10.31
C PRO A 5 6.25 -3.73 9.41
N LYS A 6 5.28 -2.96 9.87
CA LYS A 6 4.12 -2.65 9.05
C LYS A 6 4.46 -1.53 8.07
N LEU A 7 3.73 -1.46 6.99
CA LEU A 7 4.01 -0.47 5.94
C LEU A 7 2.73 0.25 5.55
N TYR A 8 2.81 0.97 4.45
CA TYR A 8 1.63 1.61 3.87
C TYR A 8 0.91 0.61 3.00
N LEU A 9 -0.07 -0.04 3.59
CA LEU A 9 -0.68 -1.22 2.99
C LEU A 9 -1.93 -0.85 2.18
N CYS A 10 -2.04 -1.43 0.98
CA CYS A 10 -3.26 -1.32 0.22
C CYS A 10 -4.28 -2.24 0.87
N GLU A 11 -5.39 -1.67 1.25
CA GLU A 11 -6.43 -2.44 1.93
C GLU A 11 -7.20 -3.31 0.94
N PHE A 12 -6.87 -3.19 -0.33
CA PHE A 12 -7.53 -3.97 -1.37
C PHE A 12 -6.64 -5.09 -1.86
N CYS A 13 -5.33 -4.85 -1.88
CA CYS A 13 -4.36 -5.85 -2.27
C CYS A 13 -3.79 -6.54 -1.04
N LEU A 14 -3.78 -5.80 0.05
CA LEU A 14 -3.13 -6.22 1.27
C LEU A 14 -1.64 -6.44 1.04
N LYS A 15 -1.03 -5.45 0.37
CA LYS A 15 0.40 -5.49 0.07
C LYS A 15 1.09 -4.28 0.70
N TYR A 16 2.26 -4.52 1.29
CA TYR A 16 3.00 -3.48 1.98
C TYR A 16 3.80 -2.61 1.00
N MET A 17 3.30 -1.41 0.74
CA MET A 17 4.03 -0.45 -0.09
C MET A 17 5.04 0.30 0.76
N LYS A 18 6.18 0.63 0.17
CA LYS A 18 7.29 1.19 0.92
C LYS A 18 7.20 2.69 1.08
N SER A 19 6.54 3.36 0.14
CA SER A 19 6.41 4.80 0.18
C SER A 19 4.93 5.19 0.07
N ARG A 20 4.51 6.19 0.84
CA ARG A 20 3.11 6.59 0.86
C ARG A 20 2.70 7.26 -0.44
N THR A 21 3.66 7.85 -1.15
CA THR A 21 3.39 8.42 -2.47
C THR A 21 3.03 7.30 -3.45
N ILE A 22 3.78 6.21 -3.35
CA ILE A 22 3.53 5.03 -4.15
C ILE A 22 2.16 4.44 -3.82
N LEU A 23 1.87 4.37 -2.52
CA LEU A 23 0.59 3.85 -2.05
C LEU A 23 -0.56 4.78 -2.44
N GLN A 24 -0.33 6.08 -2.38
CA GLN A 24 -1.34 7.06 -2.74
C GLN A 24 -1.72 6.93 -4.20
N GLN A 25 -0.69 6.88 -5.06
CA GLN A 25 -0.89 6.70 -6.48
C GLN A 25 -1.58 5.37 -6.76
N HIS A 26 -1.21 4.36 -5.99
CA HIS A 26 -1.77 3.02 -6.14
C HIS A 26 -3.24 2.99 -5.72
N MET A 27 -3.54 3.48 -4.51
CA MET A 27 -4.89 3.40 -3.95
C MET A 27 -5.87 4.22 -4.78
N LYS A 28 -5.35 5.20 -5.51
CA LYS A 28 -6.17 6.05 -6.34
C LYS A 28 -6.45 5.36 -7.68
N LYS A 29 -5.76 4.25 -7.91
CA LYS A 29 -5.98 3.44 -9.09
C LYS A 29 -6.73 2.17 -8.72
N CYS A 30 -6.36 1.61 -7.57
CA CYS A 30 -7.00 0.42 -7.05
C CYS A 30 -8.45 0.72 -6.70
N GLY A 31 -8.67 1.78 -5.92
CA GLY A 31 -10.01 2.18 -5.53
C GLY A 31 -10.69 3.06 -6.55
N TRP A 32 -10.68 2.61 -7.80
CA TRP A 32 -11.33 3.34 -8.89
C TRP A 32 -12.85 3.27 -8.77
N PHE A 33 -13.34 2.07 -8.47
CA PHE A 33 -14.77 1.85 -8.30
C PHE A 33 -15.00 0.80 -7.22
N GLY A 1 15.13 -13.42 13.96
CA GLY A 1 14.01 -12.76 14.68
C GLY A 1 12.83 -12.50 13.77
N SER A 2 11.69 -12.20 14.35
CA SER A 2 10.49 -11.94 13.59
C SER A 2 10.17 -10.44 13.59
N ARG A 3 10.57 -9.75 12.53
CA ARG A 3 10.33 -8.33 12.41
C ARG A 3 9.48 -8.04 11.17
N LEU A 4 8.38 -7.34 11.37
CA LEU A 4 7.49 -7.00 10.28
C LEU A 4 7.13 -5.52 10.34
N PRO A 5 7.74 -4.71 9.47
CA PRO A 5 7.49 -3.27 9.43
C PRO A 5 6.06 -2.95 9.02
N LYS A 6 5.51 -1.90 9.60
CA LYS A 6 4.16 -1.46 9.27
C LYS A 6 4.22 -0.46 8.14
N LEU A 7 4.26 -0.95 6.92
CA LEU A 7 4.37 -0.10 5.74
C LEU A 7 3.04 0.56 5.42
N TYR A 8 2.81 0.80 4.15
CA TYR A 8 1.58 1.42 3.69
C TYR A 8 0.73 0.41 2.94
N LEU A 9 -0.37 0.03 3.56
CA LEU A 9 -1.18 -1.08 3.09
C LEU A 9 -2.23 -0.64 2.08
N CYS A 10 -2.39 -1.44 1.02
CA CYS A 10 -3.52 -1.29 0.13
C CYS A 10 -4.70 -2.02 0.75
N GLU A 11 -5.82 -1.35 0.77
CA GLU A 11 -7.03 -1.90 1.36
C GLU A 11 -7.66 -2.97 0.47
N PHE A 12 -7.07 -3.21 -0.69
CA PHE A 12 -7.62 -4.18 -1.64
C PHE A 12 -6.62 -5.30 -1.94
N CYS A 13 -5.34 -4.95 -2.03
CA CYS A 13 -4.30 -5.94 -2.24
C CYS A 13 -3.78 -6.41 -0.90
N LEU A 14 -3.75 -5.48 0.03
CA LEU A 14 -3.17 -5.69 1.34
C LEU A 14 -1.70 -6.03 1.22
N LYS A 15 -1.06 -5.38 0.26
CA LYS A 15 0.37 -5.49 0.05
C LYS A 15 1.06 -4.27 0.65
N TYR A 16 2.30 -4.43 1.05
CA TYR A 16 3.02 -3.36 1.72
C TYR A 16 3.76 -2.48 0.73
N MET A 17 3.25 -1.27 0.55
CA MET A 17 3.88 -0.29 -0.31
C MET A 17 5.04 0.38 0.44
N LYS A 18 6.14 0.60 -0.26
CA LYS A 18 7.36 1.05 0.38
C LYS A 18 7.34 2.54 0.68
N SER A 19 6.70 3.31 -0.18
CA SER A 19 6.62 4.75 0.01
C SER A 19 5.16 5.20 0.08
N ARG A 20 4.93 6.24 0.89
CA ARG A 20 3.59 6.78 1.10
C ARG A 20 3.00 7.29 -0.21
N THR A 21 3.81 8.02 -0.98
CA THR A 21 3.37 8.56 -2.25
C THR A 21 3.10 7.44 -3.25
N ILE A 22 3.73 6.29 -3.04
CA ILE A 22 3.49 5.12 -3.87
C ILE A 22 2.14 4.50 -3.52
N LEU A 23 1.82 4.46 -2.23
CA LEU A 23 0.55 3.91 -1.77
C LEU A 23 -0.62 4.76 -2.23
N GLN A 24 -0.53 6.08 -2.04
CA GLN A 24 -1.62 6.96 -2.44
C GLN A 24 -1.78 6.97 -3.96
N GLN A 25 -0.70 6.67 -4.68
CA GLN A 25 -0.76 6.51 -6.12
C GLN A 25 -1.43 5.19 -6.47
N HIS A 26 -1.08 4.15 -5.73
CA HIS A 26 -1.62 2.82 -5.95
C HIS A 26 -3.10 2.75 -5.59
N MET A 27 -3.43 3.18 -4.39
CA MET A 27 -4.78 2.99 -3.86
C MET A 27 -5.81 3.86 -4.59
N LYS A 28 -5.33 4.85 -5.32
CA LYS A 28 -6.22 5.65 -6.15
C LYS A 28 -6.44 4.98 -7.49
N LYS A 29 -5.59 4.02 -7.79
CA LYS A 29 -5.72 3.21 -8.99
C LYS A 29 -6.53 1.96 -8.68
N CYS A 30 -6.23 1.37 -7.51
CA CYS A 30 -6.96 0.22 -7.01
C CYS A 30 -8.39 0.62 -6.66
N GLY A 31 -8.52 1.66 -5.85
CA GLY A 31 -9.83 2.15 -5.47
C GLY A 31 -10.36 3.16 -6.46
N TRP A 32 -10.51 2.73 -7.71
CA TRP A 32 -11.02 3.60 -8.76
C TRP A 32 -12.54 3.66 -8.70
N PHE A 33 -13.19 2.57 -9.10
CA PHE A 33 -14.64 2.47 -9.04
C PHE A 33 -15.07 1.06 -9.43
N GLY A 1 4.13 -8.36 10.11
CA GLY A 1 4.83 -8.58 11.39
C GLY A 1 5.99 -9.55 11.24
N SER A 2 5.78 -10.79 11.67
CA SER A 2 6.76 -11.85 11.48
C SER A 2 6.96 -12.10 9.98
N ARG A 3 5.83 -12.08 9.27
CA ARG A 3 5.86 -12.15 7.82
C ARG A 3 5.52 -10.78 7.25
N LEU A 4 6.42 -10.25 6.42
CA LEU A 4 6.28 -8.93 5.82
C LEU A 4 6.50 -7.82 6.86
N PRO A 5 7.27 -6.79 6.50
CA PRO A 5 7.58 -5.68 7.41
C PRO A 5 6.40 -4.75 7.59
N LYS A 6 6.59 -3.70 8.39
CA LYS A 6 5.54 -2.72 8.61
C LYS A 6 5.61 -1.62 7.56
N LEU A 7 4.74 -1.70 6.57
CA LEU A 7 4.73 -0.74 5.48
C LEU A 7 3.37 -0.06 5.39
N TYR A 8 3.00 0.33 4.19
CA TYR A 8 1.73 0.97 3.93
C TYR A 8 0.77 -0.03 3.29
N LEU A 9 -0.11 -0.59 4.11
CA LEU A 9 -1.04 -1.61 3.62
C LEU A 9 -2.20 -0.98 2.87
N CYS A 10 -2.34 -1.34 1.61
CA CYS A 10 -3.41 -0.85 0.77
C CYS A 10 -4.76 -1.31 1.31
N GLU A 11 -4.76 -2.50 1.92
CA GLU A 11 -5.92 -3.06 2.62
C GLU A 11 -7.05 -3.47 1.68
N PHE A 12 -6.83 -3.31 0.37
CA PHE A 12 -7.80 -3.73 -0.61
C PHE A 12 -7.25 -4.89 -1.43
N CYS A 13 -6.06 -4.69 -1.97
CA CYS A 13 -5.29 -5.77 -2.56
C CYS A 13 -4.40 -6.38 -1.47
N LEU A 14 -4.24 -5.60 -0.40
CA LEU A 14 -3.44 -6.00 0.76
C LEU A 14 -1.97 -6.11 0.41
N LYS A 15 -1.53 -5.22 -0.46
CA LYS A 15 -0.11 -5.10 -0.77
C LYS A 15 0.51 -3.99 0.07
N TYR A 16 1.81 -4.05 0.28
CA TYR A 16 2.50 -3.07 1.11
C TYR A 16 3.31 -2.12 0.26
N MET A 17 3.06 -0.83 0.41
CA MET A 17 3.80 0.19 -0.32
C MET A 17 5.01 0.60 0.50
N LYS A 18 6.08 0.99 -0.16
CA LYS A 18 7.30 1.38 0.51
C LYS A 18 7.19 2.80 1.04
N SER A 19 6.59 3.68 0.24
CA SER A 19 6.43 5.07 0.62
C SER A 19 4.99 5.52 0.48
N ARG A 20 4.65 6.61 1.16
CA ARG A 20 3.31 7.18 1.12
C ARG A 20 2.96 7.62 -0.29
N THR A 21 3.96 8.11 -1.00
CA THR A 21 3.79 8.54 -2.39
C THR A 21 3.27 7.39 -3.25
N ILE A 22 3.86 6.21 -3.06
CA ILE A 22 3.45 5.03 -3.79
C ILE A 22 2.05 4.59 -3.36
N LEU A 23 1.80 4.67 -2.05
CA LEU A 23 0.51 4.25 -1.50
C LEU A 23 -0.62 5.12 -2.06
N GLN A 24 -0.38 6.42 -2.12
CA GLN A 24 -1.38 7.36 -2.62
C GLN A 24 -1.63 7.15 -4.11
N GLN A 25 -0.58 6.81 -4.85
CA GLN A 25 -0.71 6.56 -6.28
C GLN A 25 -1.33 5.20 -6.55
N HIS A 26 -1.04 4.23 -5.68
CA HIS A 26 -1.59 2.89 -5.82
C HIS A 26 -3.10 2.91 -5.63
N MET A 27 -3.56 3.63 -4.60
CA MET A 27 -4.97 3.63 -4.23
C MET A 27 -5.84 4.21 -5.34
N LYS A 28 -5.22 4.89 -6.28
CA LYS A 28 -5.91 5.37 -7.47
C LYS A 28 -6.29 4.20 -8.37
N LYS A 29 -5.30 3.39 -8.74
CA LYS A 29 -5.54 2.21 -9.57
C LYS A 29 -6.07 1.06 -8.71
N CYS A 30 -6.01 1.22 -7.40
CA CYS A 30 -6.54 0.23 -6.48
C CYS A 30 -8.04 0.12 -6.68
N GLY A 31 -8.72 1.25 -6.68
CA GLY A 31 -10.15 1.29 -6.92
C GLY A 31 -10.47 1.48 -8.39
N TRP A 32 -9.50 1.20 -9.25
CA TRP A 32 -9.68 1.29 -10.69
C TRP A 32 -10.39 0.05 -11.21
N PHE A 33 -10.50 -0.96 -10.36
CA PHE A 33 -11.16 -2.20 -10.72
C PHE A 33 -12.28 -2.48 -9.73
N GLY A 1 13.44 -11.37 -0.52
CA GLY A 1 13.74 -10.76 0.80
C GLY A 1 12.70 -9.74 1.19
N SER A 2 12.02 -9.99 2.29
CA SER A 2 10.95 -9.12 2.75
C SER A 2 11.12 -8.78 4.23
N ARG A 3 12.23 -8.14 4.57
CA ARG A 3 12.48 -7.73 5.95
C ARG A 3 11.85 -6.38 6.20
N LEU A 4 10.53 -6.35 6.26
CA LEU A 4 9.78 -5.12 6.47
C LEU A 4 8.90 -5.25 7.71
N PRO A 5 8.98 -4.27 8.62
CA PRO A 5 8.17 -4.28 9.84
C PRO A 5 6.69 -4.04 9.54
N LYS A 6 6.33 -2.80 9.27
CA LYS A 6 4.95 -2.46 8.90
C LYS A 6 4.93 -1.25 7.99
N LEU A 7 4.82 -1.49 6.69
CA LEU A 7 4.83 -0.43 5.70
C LEU A 7 3.44 0.17 5.51
N TYR A 8 3.16 0.65 4.30
CA TYR A 8 1.84 1.21 3.98
C TYR A 8 0.99 0.15 3.30
N LEU A 9 -0.21 -0.06 3.81
CA LEU A 9 -1.05 -1.15 3.34
C LEU A 9 -2.11 -0.69 2.35
N CYS A 10 -2.29 -1.48 1.27
CA CYS A 10 -3.41 -1.31 0.40
C CYS A 10 -4.55 -2.13 0.96
N GLU A 11 -5.74 -1.56 0.92
CA GLU A 11 -6.92 -2.22 1.47
C GLU A 11 -7.53 -3.16 0.44
N PHE A 12 -7.00 -3.13 -0.77
CA PHE A 12 -7.54 -3.93 -1.86
C PHE A 12 -6.58 -5.06 -2.23
N CYS A 13 -5.30 -4.84 -2.01
CA CYS A 13 -4.28 -5.88 -2.23
C CYS A 13 -3.90 -6.51 -0.90
N LEU A 14 -3.89 -5.66 0.12
CA LEU A 14 -3.38 -6.02 1.42
C LEU A 14 -1.89 -6.31 1.32
N LYS A 15 -1.25 -5.55 0.45
CA LYS A 15 0.20 -5.61 0.25
C LYS A 15 0.82 -4.32 0.74
N TYR A 16 2.06 -4.41 1.20
CA TYR A 16 2.74 -3.27 1.77
C TYR A 16 3.56 -2.50 0.74
N MET A 17 3.38 -1.19 0.72
CA MET A 17 4.11 -0.32 -0.20
C MET A 17 5.28 0.32 0.52
N LYS A 18 6.31 0.70 -0.23
CA LYS A 18 7.53 1.23 0.38
C LYS A 18 7.38 2.69 0.81
N SER A 19 6.60 3.46 0.06
CA SER A 19 6.41 4.86 0.40
C SER A 19 4.93 5.23 0.37
N ARG A 20 4.59 6.30 1.07
CA ARG A 20 3.22 6.77 1.15
C ARG A 20 2.74 7.26 -0.20
N THR A 21 3.62 7.93 -0.93
CA THR A 21 3.25 8.45 -2.24
C THR A 21 3.08 7.33 -3.26
N ILE A 22 3.76 6.21 -3.02
CA ILE A 22 3.58 5.03 -3.84
C ILE A 22 2.18 4.47 -3.64
N LEU A 23 1.74 4.42 -2.38
CA LEU A 23 0.40 3.98 -2.05
C LEU A 23 -0.64 5.01 -2.48
N GLN A 24 -0.26 6.29 -2.42
CA GLN A 24 -1.15 7.38 -2.80
C GLN A 24 -1.63 7.19 -4.24
N GLN A 25 -0.69 6.95 -5.14
CA GLN A 25 -1.02 6.70 -6.53
C GLN A 25 -1.66 5.33 -6.68
N HIS A 26 -1.21 4.38 -5.87
CA HIS A 26 -1.71 3.01 -5.93
C HIS A 26 -3.20 2.95 -5.60
N MET A 27 -3.57 3.52 -4.45
CA MET A 27 -4.95 3.44 -3.98
C MET A 27 -5.90 4.15 -4.94
N LYS A 28 -5.37 5.14 -5.65
CA LYS A 28 -6.16 5.87 -6.63
C LYS A 28 -6.38 5.04 -7.88
N LYS A 29 -5.70 3.91 -7.97
CA LYS A 29 -5.88 3.00 -9.09
C LYS A 29 -6.63 1.75 -8.63
N CYS A 30 -6.32 1.29 -7.43
CA CYS A 30 -6.95 0.12 -6.87
C CYS A 30 -8.40 0.42 -6.48
N GLY A 31 -8.63 1.60 -5.94
CA GLY A 31 -9.98 1.99 -5.55
C GLY A 31 -10.75 2.62 -6.70
N TRP A 32 -10.51 2.12 -7.91
CA TRP A 32 -11.21 2.63 -9.09
C TRP A 32 -12.57 1.97 -9.23
N PHE A 33 -13.42 2.19 -8.25
CA PHE A 33 -14.77 1.64 -8.26
C PHE A 33 -15.63 2.39 -7.27
N GLY A 1 9.05 -15.82 1.74
CA GLY A 1 8.17 -14.66 1.46
C GLY A 1 8.73 -13.36 2.00
N SER A 2 8.09 -12.26 1.66
CA SER A 2 8.53 -10.94 2.10
C SER A 2 8.31 -10.78 3.60
N ARG A 3 9.21 -10.06 4.25
CA ARG A 3 9.13 -9.85 5.69
C ARG A 3 9.11 -8.36 6.01
N LEU A 4 8.09 -7.67 5.50
CA LEU A 4 7.95 -6.24 5.72
C LEU A 4 7.36 -5.98 7.11
N PRO A 5 8.01 -5.11 7.90
CA PRO A 5 7.57 -4.81 9.26
C PRO A 5 6.35 -3.88 9.28
N LYS A 6 6.57 -2.57 9.35
CA LYS A 6 5.48 -1.62 9.31
C LYS A 6 5.59 -0.76 8.05
N LEU A 7 4.62 -0.88 7.18
CA LEU A 7 4.61 -0.15 5.92
C LEU A 7 3.22 0.42 5.66
N TYR A 8 2.92 0.68 4.40
CA TYR A 8 1.64 1.24 4.00
C TYR A 8 0.98 0.33 2.99
N LEU A 9 -0.04 -0.39 3.41
CA LEU A 9 -0.66 -1.40 2.57
C LEU A 9 -1.88 -0.85 1.86
N CYS A 10 -2.23 -1.50 0.78
CA CYS A 10 -3.42 -1.21 0.05
C CYS A 10 -4.59 -1.89 0.73
N GLU A 11 -5.72 -1.24 0.75
CA GLU A 11 -6.91 -1.78 1.38
C GLU A 11 -7.54 -2.88 0.52
N PHE A 12 -7.06 -2.99 -0.72
CA PHE A 12 -7.61 -3.96 -1.65
C PHE A 12 -6.59 -5.05 -1.97
N CYS A 13 -5.30 -4.72 -1.89
CA CYS A 13 -4.23 -5.68 -2.14
C CYS A 13 -3.63 -6.16 -0.84
N LEU A 14 -3.59 -5.25 0.13
CA LEU A 14 -3.01 -5.50 1.43
C LEU A 14 -1.53 -5.84 1.32
N LYS A 15 -0.91 -5.28 0.28
CA LYS A 15 0.52 -5.44 0.05
C LYS A 15 1.26 -4.20 0.53
N TYR A 16 2.20 -4.40 1.43
CA TYR A 16 2.95 -3.30 2.01
C TYR A 16 3.76 -2.54 0.97
N MET A 17 3.45 -1.28 0.80
CA MET A 17 4.21 -0.40 -0.09
C MET A 17 5.27 0.31 0.73
N LYS A 18 6.41 0.57 0.12
CA LYS A 18 7.54 1.12 0.84
C LYS A 18 7.40 2.62 1.07
N SER A 19 6.62 3.28 0.23
CA SER A 19 6.42 4.71 0.35
C SER A 19 4.94 5.06 0.32
N ARG A 20 4.54 6.04 1.12
CA ARG A 20 3.17 6.52 1.15
C ARG A 20 2.77 7.08 -0.20
N THR A 21 3.72 7.77 -0.83
CA THR A 21 3.50 8.36 -2.14
C THR A 21 3.10 7.29 -3.17
N ILE A 22 3.78 6.15 -3.11
CA ILE A 22 3.51 5.04 -4.00
C ILE A 22 2.14 4.43 -3.70
N LEU A 23 1.87 4.20 -2.42
CA LEU A 23 0.62 3.60 -2.00
C LEU A 23 -0.57 4.48 -2.37
N GLN A 24 -0.41 5.78 -2.20
CA GLN A 24 -1.48 6.73 -2.50
C GLN A 24 -1.84 6.69 -3.98
N GLN A 25 -0.83 6.79 -4.84
CA GLN A 25 -1.06 6.75 -6.28
C GLN A 25 -1.56 5.37 -6.72
N HIS A 26 -1.28 4.36 -5.91
CA HIS A 26 -1.75 3.01 -6.19
C HIS A 26 -3.23 2.91 -5.86
N MET A 27 -3.60 3.27 -4.65
CA MET A 27 -4.97 3.11 -4.17
C MET A 27 -5.95 3.97 -4.97
N LYS A 28 -5.42 4.98 -5.64
CA LYS A 28 -6.24 5.85 -6.48
C LYS A 28 -6.73 5.08 -7.72
N LYS A 29 -5.98 4.07 -8.13
CA LYS A 29 -6.37 3.25 -9.27
C LYS A 29 -7.05 1.97 -8.81
N CYS A 30 -6.68 1.52 -7.61
CA CYS A 30 -7.25 0.31 -7.04
C CYS A 30 -8.68 0.56 -6.55
N GLY A 31 -8.92 1.77 -6.07
CA GLY A 31 -10.22 2.12 -5.53
C GLY A 31 -11.23 2.44 -6.61
N TRP A 32 -11.35 1.54 -7.58
CA TRP A 32 -12.31 1.68 -8.65
C TRP A 32 -13.48 0.71 -8.44
N PHE A 33 -14.16 0.37 -9.52
CA PHE A 33 -15.26 -0.57 -9.46
C PHE A 33 -15.39 -1.28 -10.79
N GLY A 1 2.81 -15.04 11.96
CA GLY A 1 2.76 -13.76 12.70
C GLY A 1 3.33 -12.60 11.90
N SER A 2 4.19 -11.81 12.52
CA SER A 2 4.79 -10.67 11.86
C SER A 2 6.23 -10.98 11.46
N ARG A 3 6.41 -11.44 10.22
CA ARG A 3 7.75 -11.67 9.70
C ARG A 3 8.25 -10.37 9.06
N LEU A 4 7.32 -9.64 8.47
CA LEU A 4 7.59 -8.31 7.96
C LEU A 4 7.20 -7.28 9.01
N PRO A 5 8.03 -6.23 9.20
CA PRO A 5 7.77 -5.20 10.20
C PRO A 5 6.47 -4.44 9.93
N LYS A 6 6.56 -3.39 9.13
CA LYS A 6 5.38 -2.63 8.72
C LYS A 6 5.73 -1.77 7.52
N LEU A 7 4.73 -1.52 6.71
CA LEU A 7 4.87 -0.65 5.54
C LEU A 7 3.63 0.20 5.40
N TYR A 8 3.15 0.33 4.18
CA TYR A 8 1.93 1.07 3.89
C TYR A 8 0.94 0.15 3.21
N LEU A 9 0.09 -0.46 4.00
CA LEU A 9 -0.83 -1.47 3.52
C LEU A 9 -1.96 -0.85 2.70
N CYS A 10 -2.10 -1.31 1.46
CA CYS A 10 -3.14 -0.84 0.57
C CYS A 10 -4.52 -1.14 1.16
N GLU A 11 -4.67 -2.37 1.66
CA GLU A 11 -5.89 -2.87 2.30
C GLU A 11 -6.95 -3.29 1.28
N PHE A 12 -6.84 -2.79 0.06
CA PHE A 12 -7.77 -3.15 -1.00
C PHE A 12 -7.36 -4.49 -1.59
N CYS A 13 -6.09 -4.61 -1.96
CA CYS A 13 -5.54 -5.88 -2.38
C CYS A 13 -4.51 -6.35 -1.36
N LEU A 14 -4.32 -5.52 -0.33
CA LEU A 14 -3.40 -5.82 0.76
C LEU A 14 -1.97 -5.92 0.26
N LYS A 15 -1.52 -4.86 -0.41
CA LYS A 15 -0.14 -4.78 -0.87
C LYS A 15 0.63 -3.82 0.04
N TYR A 16 1.89 -4.12 0.29
CA TYR A 16 2.69 -3.29 1.17
C TYR A 16 3.55 -2.34 0.36
N MET A 17 3.25 -1.06 0.45
CA MET A 17 4.00 -0.05 -0.28
C MET A 17 5.14 0.47 0.59
N LYS A 18 6.22 0.88 -0.04
CA LYS A 18 7.42 1.31 0.68
C LYS A 18 7.26 2.72 1.22
N SER A 19 6.51 3.54 0.50
CA SER A 19 6.27 4.92 0.92
C SER A 19 4.82 5.31 0.67
N ARG A 20 4.33 6.27 1.44
CA ARG A 20 2.94 6.72 1.32
C ARG A 20 2.70 7.41 -0.01
N THR A 21 3.78 7.95 -0.59
CA THR A 21 3.72 8.59 -1.89
C THR A 21 3.28 7.58 -2.96
N ILE A 22 3.91 6.41 -2.93
CA ILE A 22 3.58 5.32 -3.84
C ILE A 22 2.18 4.79 -3.54
N LEU A 23 1.88 4.64 -2.25
CA LEU A 23 0.57 4.19 -1.80
C LEU A 23 -0.54 5.12 -2.29
N GLN A 24 -0.23 6.41 -2.31
CA GLN A 24 -1.17 7.44 -2.75
C GLN A 24 -1.52 7.25 -4.23
N GLN A 25 -0.62 6.65 -4.99
CA GLN A 25 -0.87 6.40 -6.40
C GLN A 25 -1.56 5.05 -6.58
N HIS A 26 -1.12 4.09 -5.78
CA HIS A 26 -1.67 2.75 -5.81
C HIS A 26 -3.17 2.75 -5.52
N MET A 27 -3.58 3.56 -4.55
CA MET A 27 -4.97 3.61 -4.12
C MET A 27 -5.88 4.12 -5.23
N LYS A 28 -5.30 4.74 -6.24
CA LYS A 28 -6.06 5.24 -7.38
C LYS A 28 -6.47 4.09 -8.29
N LYS A 29 -5.53 3.22 -8.62
CA LYS A 29 -5.82 2.11 -9.51
C LYS A 29 -6.57 1.00 -8.78
N CYS A 30 -6.20 0.78 -7.52
CA CYS A 30 -6.84 -0.25 -6.71
C CYS A 30 -8.27 0.14 -6.34
N GLY A 31 -8.52 1.44 -6.27
CA GLY A 31 -9.86 1.91 -5.99
C GLY A 31 -10.78 1.74 -7.18
N TRP A 32 -10.18 1.48 -8.33
CA TRP A 32 -10.93 1.25 -9.55
C TRP A 32 -11.04 -0.25 -9.83
N PHE A 33 -9.92 -0.86 -10.19
CA PHE A 33 -9.88 -2.29 -10.46
C PHE A 33 -8.55 -2.87 -10.02
N GLY A 1 17.71 -5.17 14.14
CA GLY A 1 17.00 -4.05 13.48
C GLY A 1 15.50 -4.22 13.58
N SER A 2 14.78 -3.83 12.54
CA SER A 2 13.34 -4.00 12.51
C SER A 2 12.97 -5.45 12.23
N ARG A 3 11.80 -5.87 12.69
CA ARG A 3 11.33 -7.23 12.46
C ARG A 3 10.46 -7.27 11.21
N LEU A 4 9.19 -6.93 11.37
CA LEU A 4 8.28 -6.81 10.26
C LEU A 4 7.61 -5.45 10.29
N PRO A 5 8.29 -4.42 9.75
CA PRO A 5 7.78 -3.04 9.77
C PRO A 5 6.42 -2.94 9.10
N LYS A 6 5.49 -2.25 9.75
CA LYS A 6 4.17 -2.09 9.20
C LYS A 6 4.18 -1.03 8.11
N LEU A 7 4.33 -1.48 6.88
CA LEU A 7 4.38 -0.58 5.73
C LEU A 7 3.02 0.05 5.49
N TYR A 8 2.91 0.75 4.39
CA TYR A 8 1.66 1.39 4.00
C TYR A 8 0.79 0.37 3.28
N LEU A 9 -0.09 -0.27 4.04
CA LEU A 9 -0.89 -1.37 3.52
C LEU A 9 -2.10 -0.84 2.74
N CYS A 10 -2.18 -1.23 1.48
CA CYS A 10 -3.30 -0.86 0.64
C CYS A 10 -4.61 -1.39 1.22
N GLU A 11 -4.54 -2.62 1.74
CA GLU A 11 -5.64 -3.27 2.46
C GLU A 11 -6.80 -3.66 1.53
N PHE A 12 -6.66 -3.35 0.25
CA PHE A 12 -7.66 -3.73 -0.73
C PHE A 12 -7.15 -4.91 -1.55
N CYS A 13 -5.94 -4.73 -2.08
CA CYS A 13 -5.17 -5.84 -2.61
C CYS A 13 -4.33 -6.43 -1.49
N LEU A 14 -4.20 -5.64 -0.42
CA LEU A 14 -3.39 -5.99 0.74
C LEU A 14 -1.92 -6.05 0.37
N LYS A 15 -1.49 -5.07 -0.41
CA LYS A 15 -0.09 -4.92 -0.78
C LYS A 15 0.58 -3.91 0.13
N TYR A 16 1.85 -4.14 0.45
CA TYR A 16 2.57 -3.26 1.34
C TYR A 16 3.44 -2.29 0.54
N MET A 17 3.08 -1.02 0.58
CA MET A 17 3.82 0.00 -0.14
C MET A 17 4.96 0.50 0.73
N LYS A 18 6.10 0.78 0.12
CA LYS A 18 7.29 1.17 0.85
C LYS A 18 7.30 2.65 1.16
N SER A 19 6.55 3.42 0.38
CA SER A 19 6.48 4.86 0.58
C SER A 19 5.03 5.35 0.47
N ARG A 20 4.69 6.37 1.24
CA ARG A 20 3.34 6.92 1.27
C ARG A 20 2.95 7.46 -0.11
N THR A 21 3.89 8.14 -0.74
CA THR A 21 3.70 8.69 -2.07
C THR A 21 3.33 7.58 -3.06
N ILE A 22 4.03 6.45 -2.93
CA ILE A 22 3.77 5.29 -3.76
C ILE A 22 2.40 4.71 -3.48
N LEU A 23 2.03 4.64 -2.20
CA LEU A 23 0.71 4.15 -1.80
C LEU A 23 -0.39 5.03 -2.39
N GLN A 24 -0.15 6.34 -2.38
CA GLN A 24 -1.10 7.30 -2.92
C GLN A 24 -1.23 7.12 -4.44
N GLN A 25 -0.20 6.57 -5.06
CA GLN A 25 -0.20 6.32 -6.49
C GLN A 25 -0.84 4.96 -6.79
N HIS A 26 -0.70 4.03 -5.85
CA HIS A 26 -1.29 2.70 -5.98
C HIS A 26 -2.81 2.79 -5.91
N MET A 27 -3.30 3.53 -4.93
CA MET A 27 -4.74 3.68 -4.74
C MET A 27 -5.34 4.53 -5.84
N LYS A 28 -6.65 4.75 -5.77
CA LYS A 28 -7.41 5.51 -6.77
C LYS A 28 -7.58 4.69 -8.06
N LYS A 29 -6.69 3.73 -8.26
CA LYS A 29 -6.80 2.78 -9.35
C LYS A 29 -6.67 1.38 -8.77
N CYS A 30 -6.37 1.35 -7.46
CA CYS A 30 -6.35 0.13 -6.68
C CYS A 30 -7.69 -0.57 -6.84
N GLY A 31 -7.65 -1.57 -7.72
CA GLY A 31 -8.84 -2.25 -8.25
C GLY A 31 -10.12 -2.04 -7.45
N TRP A 32 -10.85 -1.00 -7.79
CA TRP A 32 -12.12 -0.69 -7.16
C TRP A 32 -13.26 -1.25 -8.01
N PHE A 33 -13.68 -0.47 -8.99
CA PHE A 33 -14.71 -0.90 -9.91
C PHE A 33 -14.08 -1.52 -11.15
N GLY A 1 -0.62 -3.32 11.11
CA GLY A 1 0.28 -3.63 12.25
C GLY A 1 -0.20 -2.97 13.53
N SER A 2 -0.22 -3.74 14.61
CA SER A 2 -0.68 -3.24 15.90
C SER A 2 0.27 -2.17 16.43
N ARG A 3 1.56 -2.39 16.26
CA ARG A 3 2.56 -1.39 16.63
C ARG A 3 3.39 -1.01 15.42
N LEU A 4 3.65 0.30 15.28
CA LEU A 4 4.36 0.85 14.12
C LEU A 4 3.48 0.78 12.87
N PRO A 5 3.73 1.65 11.88
CA PRO A 5 2.94 1.68 10.65
C PRO A 5 3.06 0.38 9.86
N LYS A 6 4.25 -0.20 9.91
CA LYS A 6 4.54 -1.45 9.20
C LYS A 6 4.28 -1.28 7.72
N LEU A 7 4.97 -0.30 7.15
CA LEU A 7 4.81 0.10 5.75
C LEU A 7 3.41 0.66 5.52
N TYR A 8 3.04 0.76 4.26
CA TYR A 8 1.77 1.36 3.88
C TYR A 8 0.94 0.36 3.10
N LEU A 9 0.04 -0.30 3.81
CA LEU A 9 -0.72 -1.40 3.25
C LEU A 9 -1.91 -0.90 2.42
N CYS A 10 -2.09 -1.53 1.27
CA CYS A 10 -3.27 -1.34 0.48
C CYS A 10 -4.35 -2.27 1.01
N GLU A 11 -5.51 -1.73 1.23
CA GLU A 11 -6.61 -2.49 1.80
C GLU A 11 -7.52 -3.02 0.68
N PHE A 12 -7.00 -3.02 -0.53
CA PHE A 12 -7.75 -3.49 -1.69
C PHE A 12 -7.13 -4.78 -2.25
N CYS A 13 -5.81 -4.78 -2.43
CA CYS A 13 -5.10 -6.00 -2.83
C CYS A 13 -4.22 -6.50 -1.71
N LEU A 14 -4.19 -5.73 -0.62
CA LEU A 14 -3.43 -6.08 0.58
C LEU A 14 -1.96 -6.31 0.28
N LYS A 15 -1.30 -5.24 -0.14
CA LYS A 15 0.14 -5.26 -0.38
C LYS A 15 0.79 -4.07 0.34
N TYR A 16 2.00 -4.27 0.84
CA TYR A 16 2.69 -3.23 1.59
C TYR A 16 3.54 -2.36 0.67
N MET A 17 3.39 -1.05 0.80
CA MET A 17 4.18 -0.11 0.02
C MET A 17 5.30 0.45 0.87
N LYS A 18 6.43 0.77 0.23
CA LYS A 18 7.61 1.23 0.94
C LYS A 18 7.51 2.69 1.33
N SER A 19 6.77 3.47 0.55
CA SER A 19 6.60 4.89 0.81
C SER A 19 5.14 5.28 0.63
N ARG A 20 4.71 6.29 1.37
CA ARG A 20 3.32 6.74 1.32
C ARG A 20 2.99 7.30 -0.06
N THR A 21 3.95 7.99 -0.67
CA THR A 21 3.76 8.54 -1.99
C THR A 21 3.55 7.43 -3.03
N ILE A 22 4.07 6.23 -2.72
CA ILE A 22 3.86 5.07 -3.57
C ILE A 22 2.44 4.56 -3.43
N LEU A 23 1.97 4.49 -2.18
CA LEU A 23 0.61 4.06 -1.89
C LEU A 23 -0.39 5.06 -2.43
N GLN A 24 -0.02 6.34 -2.43
CA GLN A 24 -0.86 7.39 -2.96
C GLN A 24 -1.05 7.22 -4.48
N GLN A 25 0.01 6.77 -5.14
CA GLN A 25 -0.05 6.47 -6.57
C GLN A 25 -0.84 5.18 -6.80
N HIS A 26 -0.97 4.38 -5.75
CA HIS A 26 -1.61 3.08 -5.84
C HIS A 26 -3.11 3.19 -5.55
N MET A 27 -3.46 3.86 -4.45
CA MET A 27 -4.86 4.01 -4.09
C MET A 27 -5.50 5.09 -4.93
N LYS A 28 -6.19 4.60 -5.92
CA LYS A 28 -6.95 5.40 -6.89
C LYS A 28 -7.43 4.50 -8.02
N LYS A 29 -6.89 3.28 -8.05
CA LYS A 29 -7.21 2.31 -9.09
C LYS A 29 -7.70 1.01 -8.48
N CYS A 30 -6.99 0.57 -7.44
CA CYS A 30 -7.28 -0.69 -6.78
C CYS A 30 -8.72 -0.74 -6.25
N GLY A 31 -9.15 0.32 -5.59
CA GLY A 31 -10.47 0.36 -5.02
C GLY A 31 -11.55 0.69 -6.03
N TRP A 32 -11.19 0.70 -7.29
CA TRP A 32 -12.13 0.99 -8.35
C TRP A 32 -12.25 -0.18 -9.32
N PHE A 33 -11.60 -0.09 -10.46
CA PHE A 33 -11.65 -1.14 -11.47
C PHE A 33 -10.26 -1.76 -11.66
N GLY A 1 14.62 -9.20 15.83
CA GLY A 1 14.40 -8.19 16.89
C GLY A 1 12.98 -7.67 16.91
N SER A 2 12.83 -6.39 17.22
CA SER A 2 11.52 -5.76 17.25
C SER A 2 11.52 -4.47 16.44
N ARG A 3 12.54 -4.29 15.62
CA ARG A 3 12.62 -3.13 14.74
C ARG A 3 12.09 -3.49 13.36
N LEU A 4 10.82 -3.87 13.32
CA LEU A 4 10.19 -4.27 12.08
C LEU A 4 9.41 -3.10 11.48
N PRO A 5 9.78 -2.67 10.27
CA PRO A 5 9.18 -1.51 9.60
C PRO A 5 7.72 -1.75 9.24
N LYS A 6 6.86 -0.84 9.66
CA LYS A 6 5.45 -0.92 9.34
C LYS A 6 5.17 -0.16 8.05
N LEU A 7 5.03 -0.90 6.97
CA LEU A 7 4.81 -0.29 5.66
C LEU A 7 3.38 0.19 5.52
N TYR A 8 3.00 0.51 4.29
CA TYR A 8 1.67 1.04 4.02
C TYR A 8 0.81 -0.04 3.39
N LEU A 9 -0.37 -0.25 3.96
CA LEU A 9 -1.25 -1.31 3.50
C LEU A 9 -2.35 -0.76 2.61
N CYS A 10 -2.38 -1.23 1.37
CA CYS A 10 -3.38 -0.84 0.41
C CYS A 10 -4.77 -1.31 0.86
N GLU A 11 -4.77 -2.46 1.56
CA GLU A 11 -5.98 -3.02 2.19
C GLU A 11 -6.96 -3.62 1.18
N PHE A 12 -6.79 -3.30 -0.10
CA PHE A 12 -7.67 -3.86 -1.12
C PHE A 12 -7.01 -5.06 -1.78
N CYS A 13 -5.80 -4.86 -2.27
CA CYS A 13 -4.96 -5.96 -2.71
C CYS A 13 -4.17 -6.46 -1.51
N LEU A 14 -4.12 -5.61 -0.49
CA LEU A 14 -3.40 -5.87 0.74
C LEU A 14 -1.90 -6.00 0.47
N LYS A 15 -1.38 -5.05 -0.30
CA LYS A 15 0.04 -5.03 -0.60
C LYS A 15 0.73 -3.95 0.21
N TYR A 16 1.97 -4.20 0.58
CA TYR A 16 2.74 -3.26 1.38
C TYR A 16 3.53 -2.29 0.51
N MET A 17 3.27 -1.01 0.70
CA MET A 17 3.98 0.02 -0.03
C MET A 17 5.12 0.56 0.83
N LYS A 18 6.23 0.89 0.18
CA LYS A 18 7.41 1.35 0.90
C LYS A 18 7.29 2.82 1.29
N SER A 19 6.38 3.55 0.65
CA SER A 19 6.18 4.94 0.96
C SER A 19 4.73 5.34 0.71
N ARG A 20 4.36 6.53 1.17
CA ARG A 20 3.04 7.05 0.95
C ARG A 20 2.91 7.64 -0.45
N THR A 21 4.05 7.91 -1.08
CA THR A 21 4.05 8.35 -2.46
C THR A 21 3.68 7.18 -3.38
N ILE A 22 4.06 5.98 -2.96
CA ILE A 22 3.68 4.77 -3.66
C ILE A 22 2.25 4.38 -3.31
N LEU A 23 1.91 4.49 -2.02
CA LEU A 23 0.58 4.20 -1.54
C LEU A 23 -0.46 5.07 -2.23
N GLN A 24 -0.13 6.34 -2.40
CA GLN A 24 -1.03 7.29 -3.03
C GLN A 24 -1.18 6.98 -4.52
N GLN A 25 -0.08 6.59 -5.15
CA GLN A 25 -0.10 6.28 -6.57
C GLN A 25 -0.79 4.94 -6.82
N HIS A 26 -0.65 4.02 -5.89
CA HIS A 26 -1.28 2.71 -6.00
C HIS A 26 -2.79 2.82 -5.85
N MET A 27 -3.23 3.50 -4.80
CA MET A 27 -4.65 3.65 -4.53
C MET A 27 -5.32 4.52 -5.57
N LYS A 28 -6.63 4.69 -5.43
CA LYS A 28 -7.48 5.40 -6.41
C LYS A 28 -7.72 4.51 -7.62
N LYS A 29 -6.63 4.00 -8.19
CA LYS A 29 -6.70 3.03 -9.26
C LYS A 29 -7.01 1.65 -8.67
N CYS A 30 -6.44 1.41 -7.49
CA CYS A 30 -6.67 0.19 -6.75
C CYS A 30 -8.16 0.01 -6.45
N GLY A 31 -8.71 0.92 -5.66
CA GLY A 31 -10.11 0.87 -5.31
C GLY A 31 -10.99 1.49 -6.37
N TRP A 32 -10.93 0.95 -7.58
CA TRP A 32 -11.72 1.44 -8.69
C TRP A 32 -13.14 0.86 -8.68
N PHE A 33 -13.81 1.02 -7.55
CA PHE A 33 -15.20 0.59 -7.43
C PHE A 33 -16.05 1.77 -7.01
N GLY A 1 4.02 6.50 15.07
CA GLY A 1 3.70 5.05 14.91
C GLY A 1 4.35 4.21 15.99
N SER A 2 3.63 4.00 17.08
CA SER A 2 4.14 3.20 18.20
C SER A 2 4.32 1.75 17.79
N ARG A 3 3.35 1.23 17.04
CA ARG A 3 3.43 -0.11 16.51
C ARG A 3 3.93 -0.07 15.07
N LEU A 4 4.66 -1.09 14.67
CA LEU A 4 5.16 -1.18 13.31
C LEU A 4 4.00 -1.29 12.32
N PRO A 5 3.90 -0.32 11.39
CA PRO A 5 2.81 -0.28 10.42
C PRO A 5 2.92 -1.37 9.36
N LYS A 6 4.10 -1.96 9.26
CA LYS A 6 4.41 -2.96 8.24
C LYS A 6 4.27 -2.34 6.86
N LEU A 7 5.13 -1.37 6.60
CA LEU A 7 5.08 -0.58 5.37
C LEU A 7 3.76 0.18 5.30
N TYR A 8 3.21 0.30 4.10
CA TYR A 8 1.98 1.02 3.87
C TYR A 8 0.95 0.09 3.23
N LEU A 9 0.04 -0.41 4.06
CA LEU A 9 -0.95 -1.39 3.60
C LEU A 9 -2.01 -0.72 2.73
N CYS A 10 -2.23 -1.31 1.56
CA CYS A 10 -3.25 -0.86 0.64
C CYS A 10 -4.64 -1.15 1.21
N GLU A 11 -4.82 -2.40 1.66
CA GLU A 11 -6.05 -2.88 2.29
C GLU A 11 -7.15 -3.16 1.27
N PHE A 12 -6.95 -2.75 0.02
CA PHE A 12 -7.88 -3.08 -1.04
C PHE A 12 -7.47 -4.42 -1.67
N CYS A 13 -6.17 -4.58 -1.89
CA CYS A 13 -5.63 -5.87 -2.32
C CYS A 13 -4.58 -6.35 -1.32
N LEU A 14 -4.35 -5.54 -0.29
CA LEU A 14 -3.43 -5.86 0.79
C LEU A 14 -2.00 -6.02 0.28
N LYS A 15 -1.52 -5.00 -0.42
CA LYS A 15 -0.16 -5.00 -0.91
C LYS A 15 0.61 -3.82 -0.32
N TYR A 16 1.69 -4.13 0.38
CA TYR A 16 2.47 -3.11 1.06
C TYR A 16 3.24 -2.23 0.09
N MET A 17 3.05 -0.93 0.23
CA MET A 17 3.80 0.04 -0.55
C MET A 17 4.97 0.56 0.27
N LYS A 18 6.04 0.92 -0.41
CA LYS A 18 7.28 1.30 0.27
C LYS A 18 7.23 2.73 0.77
N SER A 19 6.43 3.57 0.12
CA SER A 19 6.32 4.98 0.50
C SER A 19 4.85 5.38 0.63
N ARG A 20 4.62 6.44 1.39
CA ARG A 20 3.28 6.98 1.58
C ARG A 20 2.73 7.52 0.26
N THR A 21 3.57 8.23 -0.48
CA THR A 21 3.20 8.79 -1.76
C THR A 21 2.85 7.68 -2.75
N ILE A 22 3.64 6.63 -2.74
CA ILE A 22 3.44 5.48 -3.61
C ILE A 22 2.13 4.77 -3.27
N LEU A 23 1.82 4.70 -1.99
CA LEU A 23 0.57 4.09 -1.54
C LEU A 23 -0.62 4.88 -2.10
N GLN A 24 -0.47 6.21 -2.11
CA GLN A 24 -1.50 7.08 -2.67
C GLN A 24 -1.66 6.82 -4.17
N GLN A 25 -0.55 6.60 -4.86
CA GLN A 25 -0.56 6.25 -6.27
C GLN A 25 -1.24 4.91 -6.48
N HIS A 26 -0.89 3.96 -5.62
CA HIS A 26 -1.45 2.61 -5.69
C HIS A 26 -2.97 2.64 -5.49
N MET A 27 -3.41 3.45 -4.54
CA MET A 27 -4.84 3.55 -4.20
C MET A 27 -5.66 4.12 -5.35
N LYS A 28 -4.97 4.59 -6.38
CA LYS A 28 -5.61 5.08 -7.58
C LYS A 28 -6.04 3.91 -8.45
N LYS A 29 -5.13 2.98 -8.69
CA LYS A 29 -5.44 1.79 -9.46
C LYS A 29 -6.33 0.87 -8.65
N CYS A 30 -6.06 0.81 -7.35
CA CYS A 30 -6.88 0.04 -6.43
C CYS A 30 -8.10 0.84 -5.99
N GLY A 31 -8.83 1.35 -6.97
CA GLY A 31 -10.02 2.13 -6.71
C GLY A 31 -10.66 2.57 -8.00
N TRP A 32 -9.83 3.08 -8.91
CA TRP A 32 -10.25 3.45 -10.23
C TRP A 32 -9.99 2.27 -11.18
N PHE A 33 -8.70 2.05 -11.50
CA PHE A 33 -8.28 0.93 -12.33
C PHE A 33 -6.79 1.04 -12.64
N GLY A 1 9.25 -10.47 8.43
CA GLY A 1 8.94 -10.47 6.98
C GLY A 1 10.18 -10.37 6.14
N SER A 2 10.02 -9.95 4.89
CA SER A 2 11.16 -9.77 4.00
C SER A 2 11.08 -8.42 3.31
N ARG A 3 12.18 -8.00 2.69
CA ARG A 3 12.25 -6.73 1.98
C ARG A 3 12.03 -5.55 2.91
N LEU A 4 12.34 -5.74 4.19
CA LEU A 4 12.17 -4.71 5.21
C LEU A 4 10.71 -4.24 5.30
N PRO A 5 9.86 -5.00 6.00
CA PRO A 5 8.43 -4.73 6.10
C PRO A 5 8.10 -3.54 6.99
N LYS A 6 6.91 -3.57 7.60
CA LYS A 6 6.40 -2.45 8.40
C LYS A 6 6.11 -1.27 7.49
N LEU A 7 5.28 -1.51 6.51
CA LEU A 7 4.97 -0.52 5.49
C LEU A 7 3.50 -0.11 5.55
N TYR A 8 3.04 0.57 4.51
CA TYR A 8 1.65 0.99 4.42
C TYR A 8 0.85 -0.04 3.65
N LEU A 9 -0.27 -0.46 4.22
CA LEU A 9 -1.08 -1.53 3.65
C LEU A 9 -2.15 -0.98 2.72
N CYS A 10 -2.31 -1.63 1.57
CA CYS A 10 -3.38 -1.32 0.65
C CYS A 10 -4.61 -2.09 1.09
N GLU A 11 -5.71 -1.38 1.17
CA GLU A 11 -6.97 -1.96 1.60
C GLU A 11 -7.70 -2.62 0.43
N PHE A 12 -7.06 -2.68 -0.72
CA PHE A 12 -7.70 -3.20 -1.92
C PHE A 12 -7.08 -4.52 -2.36
N CYS A 13 -5.75 -4.63 -2.28
CA CYS A 13 -5.09 -5.89 -2.60
C CYS A 13 -4.22 -6.35 -1.44
N LEU A 14 -4.20 -5.54 -0.38
CA LEU A 14 -3.49 -5.87 0.85
C LEU A 14 -2.02 -6.17 0.58
N LYS A 15 -1.33 -5.18 0.04
CA LYS A 15 0.11 -5.24 -0.13
C LYS A 15 0.75 -4.00 0.50
N TYR A 16 2.02 -4.09 0.84
CA TYR A 16 2.69 -3.00 1.54
C TYR A 16 3.53 -2.16 0.58
N MET A 17 3.33 -0.85 0.62
CA MET A 17 4.08 0.08 -0.22
C MET A 17 5.32 0.59 0.51
N LYS A 18 6.39 0.84 -0.24
CA LYS A 18 7.65 1.30 0.36
C LYS A 18 7.60 2.79 0.69
N SER A 19 6.79 3.54 -0.05
CA SER A 19 6.65 4.97 0.20
C SER A 19 5.18 5.38 0.16
N ARG A 20 4.83 6.41 0.94
CA ARG A 20 3.44 6.84 1.06
C ARG A 20 2.92 7.42 -0.26
N THR A 21 3.79 8.08 -1.00
CA THR A 21 3.41 8.64 -2.30
C THR A 21 3.06 7.51 -3.28
N ILE A 22 3.67 6.35 -3.04
CA ILE A 22 3.37 5.16 -3.82
C ILE A 22 2.02 4.59 -3.39
N LEU A 23 1.77 4.61 -2.08
CA LEU A 23 0.52 4.12 -1.54
C LEU A 23 -0.65 4.98 -2.05
N GLN A 24 -0.40 6.28 -2.18
CA GLN A 24 -1.42 7.21 -2.68
C GLN A 24 -1.79 6.90 -4.13
N GLN A 25 -0.79 6.87 -5.01
CA GLN A 25 -1.01 6.59 -6.43
C GLN A 25 -1.57 5.18 -6.62
N HIS A 26 -1.12 4.27 -5.78
CA HIS A 26 -1.55 2.88 -5.85
C HIS A 26 -3.02 2.74 -5.49
N MET A 27 -3.41 3.29 -4.35
CA MET A 27 -4.76 3.12 -3.82
C MET A 27 -5.80 3.73 -4.76
N LYS A 28 -5.37 4.69 -5.57
CA LYS A 28 -6.25 5.34 -6.53
C LYS A 28 -6.49 4.44 -7.74
N LYS A 29 -5.58 3.50 -7.96
CA LYS A 29 -5.71 2.57 -9.08
C LYS A 29 -6.36 1.27 -8.62
N CYS A 30 -6.03 0.86 -7.41
CA CYS A 30 -6.58 -0.35 -6.83
C CYS A 30 -8.06 -0.15 -6.46
N GLY A 31 -8.40 1.08 -6.08
CA GLY A 31 -9.75 1.39 -5.67
C GLY A 31 -10.71 1.54 -6.85
N TRP A 32 -10.64 0.58 -7.76
CA TRP A 32 -11.52 0.57 -8.92
C TRP A 32 -12.36 -0.70 -8.92
N PHE A 33 -12.61 -1.23 -7.73
CA PHE A 33 -13.43 -2.41 -7.58
C PHE A 33 -14.17 -2.36 -6.24
N GLY A 1 12.21 -0.34 7.16
CA GLY A 1 12.13 -0.36 8.64
C GLY A 1 12.82 -1.56 9.24
N SER A 2 13.63 -1.34 10.26
CA SER A 2 14.33 -2.42 10.95
C SER A 2 13.40 -3.11 11.93
N ARG A 3 13.54 -4.44 12.02
CA ARG A 3 12.67 -5.28 12.85
C ARG A 3 11.28 -5.40 12.23
N LEU A 4 10.53 -4.31 12.28
CA LEU A 4 9.24 -4.24 11.61
C LEU A 4 9.37 -3.38 10.36
N PRO A 5 8.89 -3.88 9.21
CA PRO A 5 8.99 -3.17 7.93
C PRO A 5 8.43 -1.76 7.99
N LYS A 6 7.31 -1.62 8.71
CA LYS A 6 6.64 -0.34 8.89
C LYS A 6 6.32 0.29 7.54
N LEU A 7 5.51 -0.42 6.77
CA LEU A 7 5.08 0.06 5.46
C LEU A 7 3.63 0.52 5.53
N TYR A 8 3.05 0.75 4.36
CA TYR A 8 1.66 1.18 4.27
C TYR A 8 0.86 0.14 3.50
N LEU A 9 -0.25 -0.27 4.07
CA LEU A 9 -1.04 -1.34 3.50
C LEU A 9 -2.13 -0.83 2.57
N CYS A 10 -2.39 -1.59 1.52
CA CYS A 10 -3.50 -1.32 0.62
C CYS A 10 -4.79 -1.76 1.31
N GLU A 11 -5.87 -1.64 0.59
CA GLU A 11 -7.18 -1.99 1.10
C GLU A 11 -7.92 -2.86 0.11
N PHE A 12 -7.36 -2.99 -1.09
CA PHE A 12 -8.01 -3.73 -2.16
C PHE A 12 -7.25 -5.00 -2.50
N CYS A 13 -5.93 -4.93 -2.50
CA CYS A 13 -5.11 -6.12 -2.73
C CYS A 13 -4.28 -6.44 -1.49
N LEU A 14 -4.21 -5.48 -0.57
CA LEU A 14 -3.52 -5.64 0.70
C LEU A 14 -2.05 -6.00 0.51
N LYS A 15 -1.31 -5.05 -0.06
CA LYS A 15 0.13 -5.16 -0.17
C LYS A 15 0.77 -3.99 0.56
N TYR A 16 2.04 -4.11 0.89
CA TYR A 16 2.72 -3.07 1.65
C TYR A 16 3.59 -2.21 0.73
N MET A 17 3.39 -0.91 0.77
CA MET A 17 4.16 0.01 -0.06
C MET A 17 5.37 0.52 0.70
N LYS A 18 6.48 0.70 0.01
CA LYS A 18 7.71 1.16 0.65
C LYS A 18 7.75 2.67 0.75
N SER A 19 7.04 3.35 -0.14
CA SER A 19 6.97 4.79 -0.11
C SER A 19 5.51 5.25 -0.05
N ARG A 20 5.25 6.32 0.69
CA ARG A 20 3.89 6.80 0.89
C ARG A 20 3.27 7.29 -0.41
N THR A 21 4.09 7.90 -1.25
CA THR A 21 3.63 8.40 -2.55
C THR A 21 3.09 7.26 -3.41
N ILE A 22 3.73 6.10 -3.27
CA ILE A 22 3.30 4.91 -3.97
C ILE A 22 1.92 4.48 -3.46
N LEU A 23 1.80 4.38 -2.13
CA LEU A 23 0.53 4.01 -1.51
C LEU A 23 -0.59 4.98 -1.88
N GLN A 24 -0.27 6.27 -1.88
CA GLN A 24 -1.25 7.30 -2.19
C GLN A 24 -1.82 7.09 -3.60
N GLN A 25 -0.93 6.92 -4.58
CA GLN A 25 -1.36 6.68 -5.95
C GLN A 25 -1.99 5.30 -6.10
N HIS A 26 -1.45 4.33 -5.39
CA HIS A 26 -1.92 2.95 -5.46
C HIS A 26 -3.39 2.85 -5.08
N MET A 27 -3.78 3.58 -4.05
CA MET A 27 -5.16 3.51 -3.55
C MET A 27 -6.15 4.06 -4.57
N LYS A 28 -5.65 4.86 -5.50
CA LYS A 28 -6.48 5.37 -6.59
C LYS A 28 -6.24 4.57 -7.86
N LYS A 29 -5.59 3.43 -7.71
CA LYS A 29 -5.24 2.56 -8.84
C LYS A 29 -5.83 1.18 -8.64
N CYS A 30 -5.95 0.77 -7.38
CA CYS A 30 -6.47 -0.54 -7.04
C CYS A 30 -8.00 -0.55 -7.07
N GLY A 31 -8.59 0.63 -7.25
CA GLY A 31 -10.03 0.73 -7.30
C GLY A 31 -10.55 1.04 -8.68
N TRP A 32 -10.26 0.16 -9.64
CA TRP A 32 -10.71 0.36 -11.01
C TRP A 32 -11.35 -0.90 -11.58
N PHE A 33 -11.42 -1.95 -10.76
CA PHE A 33 -11.98 -3.22 -11.19
C PHE A 33 -12.86 -3.80 -10.10
N GLY A 1 13.16 -5.12 6.07
CA GLY A 1 13.71 -3.75 6.20
C GLY A 1 13.94 -3.39 7.66
N SER A 2 14.94 -2.55 7.91
CA SER A 2 15.29 -2.17 9.28
C SER A 2 14.35 -1.12 9.85
N ARG A 3 13.61 -0.44 8.97
CA ARG A 3 12.67 0.59 9.41
C ARG A 3 11.45 -0.04 10.07
N LEU A 4 10.48 -0.45 9.27
CA LEU A 4 9.28 -1.09 9.79
C LEU A 4 8.61 -1.93 8.71
N PRO A 5 8.52 -3.25 8.93
CA PRO A 5 7.94 -4.19 7.95
C PRO A 5 6.45 -3.92 7.72
N LYS A 6 5.84 -3.28 8.70
CA LYS A 6 4.46 -2.84 8.56
C LYS A 6 4.41 -1.55 7.75
N LEU A 7 4.54 -1.70 6.45
CA LEU A 7 4.59 -0.57 5.53
C LEU A 7 3.25 0.12 5.41
N TYR A 8 3.07 0.85 4.34
CA TYR A 8 1.80 1.47 4.03
C TYR A 8 0.92 0.46 3.30
N LEU A 9 0.00 -0.13 4.04
CA LEU A 9 -0.79 -1.23 3.53
C LEU A 9 -1.94 -0.73 2.67
N CYS A 10 -2.22 -1.49 1.62
CA CYS A 10 -3.35 -1.23 0.77
C CYS A 10 -4.58 -1.90 1.38
N GLU A 11 -5.72 -1.48 0.93
CA GLU A 11 -6.99 -1.97 1.45
C GLU A 11 -7.70 -2.83 0.42
N PHE A 12 -7.22 -2.78 -0.82
CA PHE A 12 -7.87 -3.48 -1.91
C PHE A 12 -7.16 -4.79 -2.23
N CYS A 13 -5.84 -4.75 -2.31
CA CYS A 13 -5.07 -5.96 -2.55
C CYS A 13 -4.25 -6.33 -1.32
N LEU A 14 -4.10 -5.35 -0.43
CA LEU A 14 -3.37 -5.53 0.83
C LEU A 14 -1.90 -5.84 0.58
N LYS A 15 -1.27 -5.03 -0.26
CA LYS A 15 0.16 -5.11 -0.46
C LYS A 15 0.83 -3.95 0.28
N TYR A 16 2.05 -4.17 0.75
CA TYR A 16 2.76 -3.15 1.51
C TYR A 16 3.57 -2.26 0.57
N MET A 17 3.16 -1.02 0.44
CA MET A 17 3.87 -0.07 -0.39
C MET A 17 5.00 0.56 0.39
N LYS A 18 6.15 0.69 -0.24
CA LYS A 18 7.37 1.10 0.46
C LYS A 18 7.42 2.62 0.68
N SER A 19 6.49 3.34 0.07
CA SER A 19 6.44 4.79 0.24
C SER A 19 4.99 5.28 0.23
N ARG A 20 4.73 6.33 1.00
CA ARG A 20 3.39 6.91 1.09
C ARG A 20 2.98 7.49 -0.26
N THR A 21 3.93 8.11 -0.94
CA THR A 21 3.70 8.66 -2.26
C THR A 21 3.26 7.59 -3.24
N ILE A 22 3.85 6.42 -3.11
CA ILE A 22 3.50 5.27 -3.94
C ILE A 22 2.12 4.73 -3.56
N LEU A 23 1.89 4.58 -2.26
CA LEU A 23 0.61 4.07 -1.76
C LEU A 23 -0.54 4.99 -2.17
N GLN A 24 -0.29 6.30 -2.14
CA GLN A 24 -1.30 7.28 -2.53
C GLN A 24 -1.76 7.07 -3.97
N GLN A 25 -0.80 6.84 -4.85
CA GLN A 25 -1.11 6.56 -6.25
C GLN A 25 -1.69 5.15 -6.39
N HIS A 26 -1.11 4.22 -5.63
CA HIS A 26 -1.50 2.82 -5.68
C HIS A 26 -2.98 2.64 -5.34
N MET A 27 -3.38 3.10 -4.16
CA MET A 27 -4.74 2.88 -3.67
C MET A 27 -5.77 3.50 -4.60
N LYS A 28 -5.35 4.53 -5.32
CA LYS A 28 -6.22 5.21 -6.27
C LYS A 28 -6.44 4.33 -7.50
N LYS A 29 -5.48 3.48 -7.82
CA LYS A 29 -5.60 2.58 -8.96
C LYS A 29 -6.23 1.25 -8.55
N CYS A 30 -5.93 0.82 -7.32
CA CYS A 30 -6.47 -0.42 -6.79
C CYS A 30 -7.98 -0.29 -6.54
N GLY A 31 -8.44 0.94 -6.36
CA GLY A 31 -9.86 1.17 -6.18
C GLY A 31 -10.65 0.85 -7.44
N TRP A 32 -9.96 0.82 -8.58
CA TRP A 32 -10.59 0.49 -9.84
C TRP A 32 -10.60 -1.02 -10.06
N PHE A 33 -9.81 -1.72 -9.24
CA PHE A 33 -9.74 -3.19 -9.26
C PHE A 33 -9.41 -3.72 -10.66
#